data_8RPF
#
_entry.id   8RPF
#
_cell.length_a   81.985
_cell.length_b   76.780
_cell.length_c   88.222
_cell.angle_alpha   90.00
_cell.angle_beta   98.35
_cell.angle_gamma   90.00
#
_symmetry.space_group_name_H-M   'P 1 21 1'
#
loop_
_entity.id
_entity.type
_entity.pdbx_description
1 polymer 'alcohol oxidase'
2 non-polymer 1-BUTANOL
3 non-polymer 'FLAVIN-ADENINE DINUCLEOTIDE'
4 non-polymer HEXANE-1,6-DIOL
5 water water
#
_entity_poly.entity_id   1
_entity_poly.type   'polypeptide(L)'
_entity_poly.pdbx_seq_one_letter_code
;MGSSHHHHHHSSGLVPRGSHMKKFDFIIVGAGTAGPVIASRLTEKEHINVLLLEAGGENTNELSRIPGAFFKVLGTDYDW
TYSSVEQTGLNNRSIYSPSGKVVGGSSAINVGVWVRGTKEDYDSWEAQGAKGWNFSKALEMFQKIEQTNLGPSKYHGDKG
KVKLTDSSYPTPFVHTLLNGFKEAGFGEIGDYAGENPYSIDIMQKIYENNTRRTPADSYLTEDVRARENLTIITHAFVRK
VLFEGTKAIGVEVEIDGQIQNMYASKEIILSAGTFNTPKLLKLSGVGPREELEKFGIPVIANVPGVGENLNDHLMFTLKF
VSEKNIEDSIFNPLSDEAIDQWYKNKTGPSSYYPGVASGFVSSDGTKTGADFELIFTYTHGADGTEKEFANIEDIQAQSG
YSVTVILLQPKSRGQLLLASTNPYDAPLINPRYFSDSSDMERFIKGVRYTQKITKTESLEPYTYLAHPALDATDEIIESL
IRNEASTVFHPVGTARMGDVENDSLAVVDSSLKVRGIQGLRVADASIIPAVNRGHTMAPVVYVGEMASEIIINDN
;
_entity_poly.pdbx_strand_id   A,B
#
# COMPACT_ATOMS: atom_id res chain seq x y z
N LYS A 22 -30.85 -1.52 -19.17
CA LYS A 22 -29.70 -0.80 -18.55
C LYS A 22 -28.44 -1.65 -18.73
N LYS A 23 -27.28 -0.98 -18.91
CA LYS A 23 -26.02 -1.64 -19.19
C LYS A 23 -25.06 -1.43 -18.02
N PHE A 24 -24.56 -2.52 -17.43
CA PHE A 24 -23.81 -2.42 -16.18
C PHE A 24 -22.33 -2.65 -16.41
N ASP A 25 -21.52 -1.89 -15.69
CA ASP A 25 -20.07 -2.10 -15.62
C ASP A 25 -19.74 -3.20 -14.59
N PHE A 26 -20.47 -3.15 -13.47
CA PHE A 26 -20.24 -4.03 -12.33
C PHE A 26 -21.57 -4.62 -11.84
N ILE A 27 -21.53 -5.88 -11.44
CA ILE A 27 -22.60 -6.49 -10.67
C ILE A 27 -22.00 -6.92 -9.32
N ILE A 28 -22.62 -6.45 -8.24
CA ILE A 28 -22.27 -6.83 -6.89
C ILE A 28 -23.33 -7.78 -6.33
N VAL A 29 -22.90 -8.95 -5.89
CA VAL A 29 -23.80 -9.94 -5.32
C VAL A 29 -23.77 -9.86 -3.80
N GLY A 30 -24.88 -9.38 -3.21
CA GLY A 30 -25.06 -9.31 -1.77
C GLY A 30 -24.98 -7.86 -1.27
N ALA A 31 -26.12 -7.34 -0.82
CA ALA A 31 -26.17 -6.00 -0.24
C ALA A 31 -26.14 -6.14 1.28
N GLY A 32 -25.09 -6.80 1.77
CA GLY A 32 -24.97 -7.07 3.19
C GLY A 32 -24.20 -5.97 3.92
N THR A 33 -23.00 -6.32 4.36
CA THR A 33 -22.15 -5.38 5.09
C THR A 33 -21.16 -4.71 4.13
N ALA A 34 -20.35 -5.51 3.42
CA ALA A 34 -19.37 -5.00 2.47
C ALA A 34 -19.99 -4.53 1.15
N GLY A 35 -20.92 -5.33 0.60
CA GLY A 35 -21.43 -5.06 -0.73
C GLY A 35 -21.94 -3.63 -0.88
N PRO A 36 -22.75 -3.14 0.09
CA PRO A 36 -23.29 -1.77 0.03
C PRO A 36 -22.26 -0.66 -0.02
N VAL A 37 -21.15 -0.85 0.69
CA VAL A 37 -20.05 0.08 0.68
C VAL A 37 -19.54 0.25 -0.74
N ILE A 38 -19.33 -0.90 -1.40
CA ILE A 38 -18.74 -0.92 -2.72
C ILE A 38 -19.69 -0.30 -3.74
N ALA A 39 -20.99 -0.63 -3.65
CA ALA A 39 -21.97 -0.05 -4.57
C ALA A 39 -22.02 1.48 -4.43
N SER A 40 -21.90 1.95 -3.19
CA SER A 40 -21.97 3.38 -2.87
C SER A 40 -20.75 4.11 -3.44
N ARG A 41 -19.55 3.55 -3.24
CA ARG A 41 -18.31 4.16 -3.64
C ARG A 41 -18.16 4.12 -5.15
N LEU A 42 -18.48 3.00 -5.79
CA LEU A 42 -18.23 2.88 -7.21
C LEU A 42 -19.15 3.81 -8.02
N THR A 43 -20.33 4.16 -7.50
CA THR A 43 -21.27 4.98 -8.27
C THR A 43 -21.03 6.46 -8.01
N GLU A 44 -20.02 6.80 -7.22
CA GLU A 44 -19.56 8.19 -7.10
C GLU A 44 -19.05 8.69 -8.45
N LYS A 45 -18.55 7.81 -9.32
CA LYS A 45 -18.24 8.20 -10.70
C LYS A 45 -19.48 7.98 -11.57
N GLU A 46 -19.94 9.06 -12.23
CA GLU A 46 -21.24 9.12 -12.90
C GLU A 46 -21.38 8.07 -14.00
N HIS A 47 -20.26 7.75 -14.66
CA HIS A 47 -20.23 6.93 -15.86
C HIS A 47 -20.21 5.43 -15.52
N ILE A 48 -20.05 5.09 -14.25
CA ILE A 48 -19.91 3.69 -13.83
C ILE A 48 -21.27 3.20 -13.33
N ASN A 49 -21.89 2.28 -14.10
CA ASN A 49 -23.18 1.73 -13.77
C ASN A 49 -22.99 0.48 -12.90
N VAL A 50 -23.68 0.41 -11.76
CA VAL A 50 -23.54 -0.73 -10.86
C VAL A 50 -24.92 -1.33 -10.61
N LEU A 51 -24.99 -2.66 -10.72
CA LEU A 51 -26.14 -3.43 -10.27
C LEU A 51 -25.79 -4.12 -8.96
N LEU A 52 -26.63 -3.92 -7.93
CA LEU A 52 -26.48 -4.48 -6.60
C LEU A 52 -27.65 -5.42 -6.38
N LEU A 53 -27.36 -6.72 -6.23
CA LEU A 53 -28.38 -7.75 -6.08
C LEU A 53 -28.40 -8.26 -4.64
N GLU A 54 -29.61 -8.46 -4.09
CA GLU A 54 -29.81 -8.95 -2.73
C GLU A 54 -30.96 -9.97 -2.69
N ALA A 55 -30.71 -11.11 -2.04
CA ALA A 55 -31.70 -12.17 -1.94
C ALA A 55 -32.90 -11.78 -1.07
N GLY A 56 -32.63 -11.04 0.00
CA GLY A 56 -33.64 -10.58 0.93
C GLY A 56 -34.33 -9.31 0.44
N GLY A 57 -35.22 -8.78 1.27
CA GLY A 57 -35.89 -7.51 0.98
C GLY A 57 -35.14 -6.34 1.61
N GLU A 58 -35.74 -5.16 1.50
CA GLU A 58 -35.24 -3.98 2.18
C GLU A 58 -35.42 -4.16 3.68
N ASN A 59 -34.66 -3.39 4.46
CA ASN A 59 -34.69 -3.49 5.90
C ASN A 59 -35.86 -2.67 6.44
N THR A 60 -37.06 -3.28 6.44
CA THR A 60 -38.30 -2.61 6.79
C THR A 60 -38.93 -3.19 8.07
N ASN A 61 -38.38 -4.27 8.63
CA ASN A 61 -38.89 -4.79 9.89
C ASN A 61 -38.24 -4.04 11.06
N GLU A 62 -39.00 -3.12 11.66
CA GLU A 62 -38.45 -2.21 12.64
C GLU A 62 -37.99 -2.95 13.91
N LEU A 63 -38.54 -4.14 14.17
CA LEU A 63 -38.15 -4.91 15.34
C LEU A 63 -36.65 -5.22 15.26
N SER A 64 -36.14 -5.42 14.04
CA SER A 64 -34.73 -5.72 13.85
C SER A 64 -33.81 -4.56 14.25
N ARG A 65 -34.38 -3.35 14.41
CA ARG A 65 -33.58 -2.17 14.71
C ARG A 65 -33.56 -1.82 16.20
N ILE A 66 -34.25 -2.62 17.03
CA ILE A 66 -34.35 -2.31 18.45
C ILE A 66 -33.18 -2.95 19.19
N PRO A 67 -32.32 -2.18 19.89
CA PRO A 67 -31.10 -2.73 20.48
C PRO A 67 -31.30 -3.88 21.48
N GLY A 68 -32.41 -3.82 22.24
CA GLY A 68 -32.69 -4.83 23.24
C GLY A 68 -33.60 -5.96 22.78
N ALA A 69 -34.17 -5.87 21.56
CA ALA A 69 -35.16 -6.84 21.12
C ALA A 69 -34.89 -7.40 19.71
N PHE A 70 -33.83 -6.91 19.04
CA PHE A 70 -33.61 -7.26 17.64
C PHE A 70 -33.58 -8.79 17.43
N PHE A 71 -33.06 -9.52 18.42
CA PHE A 71 -32.79 -10.94 18.26
C PHE A 71 -34.08 -11.74 18.08
N LYS A 72 -35.22 -11.11 18.29
CA LYS A 72 -36.50 -11.73 17.99
C LYS A 72 -36.67 -11.95 16.49
N VAL A 73 -35.85 -11.36 15.61
CA VAL A 73 -36.01 -11.64 14.20
C VAL A 73 -35.12 -12.82 13.76
N LEU A 74 -34.27 -13.35 14.64
CA LEU A 74 -33.51 -14.54 14.30
C LEU A 74 -34.52 -15.67 14.05
N GLY A 75 -34.25 -16.48 13.03
CA GLY A 75 -35.09 -17.62 12.73
C GLY A 75 -36.23 -17.23 11.79
N THR A 76 -36.37 -15.94 11.46
CA THR A 76 -37.40 -15.45 10.56
C THR A 76 -36.81 -15.31 9.16
N ASP A 77 -37.55 -14.63 8.29
CA ASP A 77 -37.19 -14.44 6.89
C ASP A 77 -35.98 -13.53 6.76
N TYR A 78 -35.59 -12.86 7.85
CA TYR A 78 -34.39 -12.03 7.91
C TYR A 78 -33.10 -12.87 8.06
N ASP A 79 -33.21 -14.19 8.07
CA ASP A 79 -32.14 -15.09 8.48
C ASP A 79 -32.06 -16.26 7.50
N TRP A 80 -30.83 -16.65 7.08
CA TRP A 80 -30.63 -17.85 6.28
C TRP A 80 -30.87 -19.14 7.09
N THR A 81 -30.84 -19.04 8.43
CA THR A 81 -31.12 -20.08 9.41
C THR A 81 -30.27 -21.33 9.21
N TYR A 82 -29.01 -21.15 8.79
CA TYR A 82 -28.09 -22.29 8.73
C TYR A 82 -27.69 -22.78 10.12
N SER A 83 -27.32 -24.06 10.23
CA SER A 83 -26.64 -24.64 11.37
C SER A 83 -25.39 -25.39 10.89
N SER A 84 -24.40 -25.54 11.77
CA SER A 84 -23.26 -26.37 11.43
C SER A 84 -23.63 -27.84 11.35
N VAL A 85 -22.76 -28.60 10.69
CA VAL A 85 -22.74 -30.03 10.85
C VAL A 85 -22.44 -30.34 12.32
N GLU A 86 -22.80 -31.53 12.75
CA GLU A 86 -22.47 -31.94 14.12
C GLU A 86 -20.98 -31.77 14.38
N GLN A 87 -20.64 -31.19 15.54
CA GLN A 87 -19.27 -30.85 15.85
C GLN A 87 -18.71 -31.84 16.88
N THR A 88 -17.75 -32.68 16.47
CA THR A 88 -17.28 -33.74 17.35
C THR A 88 -16.56 -33.12 18.56
N GLY A 89 -15.98 -31.93 18.39
CA GLY A 89 -15.30 -31.22 19.47
C GLY A 89 -16.25 -30.55 20.46
N LEU A 90 -17.53 -30.40 20.07
CA LEU A 90 -18.57 -29.83 20.92
C LEU A 90 -19.63 -30.87 21.26
N ASN A 91 -19.19 -32.10 21.58
CA ASN A 91 -20.13 -33.11 22.09
C ASN A 91 -21.18 -33.39 21.01
N ASN A 92 -20.79 -33.30 19.73
CA ASN A 92 -21.65 -33.64 18.60
C ASN A 92 -22.81 -32.67 18.44
N ARG A 93 -22.72 -31.48 19.04
CA ARG A 93 -23.76 -30.48 18.84
C ARG A 93 -23.69 -29.88 17.44
N SER A 94 -24.85 -29.57 16.90
CA SER A 94 -24.99 -28.78 15.70
C SER A 94 -25.18 -27.31 16.12
N ILE A 95 -24.33 -26.40 15.62
CA ILE A 95 -24.30 -25.04 16.13
C ILE A 95 -25.11 -24.14 15.19
N TYR A 96 -26.14 -23.51 15.76
CA TYR A 96 -26.98 -22.55 15.04
C TYR A 96 -26.10 -21.40 14.59
N SER A 97 -26.09 -21.14 13.28
CA SER A 97 -25.10 -20.30 12.63
C SER A 97 -25.82 -19.27 11.75
N PRO A 98 -26.59 -18.34 12.35
CA PRO A 98 -27.41 -17.41 11.57
C PRO A 98 -26.58 -16.44 10.74
N SER A 99 -27.21 -15.87 9.72
CA SER A 99 -26.63 -14.84 8.89
C SER A 99 -27.79 -14.05 8.27
N GLY A 100 -27.57 -12.78 8.00
CA GLY A 100 -28.65 -11.89 7.60
C GLY A 100 -29.09 -12.10 6.15
N LYS A 101 -30.39 -11.92 5.93
CA LYS A 101 -30.98 -12.03 4.59
C LYS A 101 -31.93 -10.85 4.42
N VAL A 102 -31.32 -9.72 4.07
CA VAL A 102 -31.97 -8.41 4.07
C VAL A 102 -30.88 -7.46 3.60
N VAL A 103 -31.27 -6.32 3.03
CA VAL A 103 -30.34 -5.22 2.82
C VAL A 103 -29.75 -4.86 4.19
N GLY A 104 -28.43 -5.02 4.31
CA GLY A 104 -27.75 -4.90 5.59
C GLY A 104 -27.10 -6.22 6.02
N GLY A 105 -27.59 -7.32 5.44
CA GLY A 105 -27.10 -8.63 5.80
C GLY A 105 -27.03 -8.82 7.31
N SER A 106 -25.90 -9.36 7.79
CA SER A 106 -25.82 -9.72 9.17
C SER A 106 -25.76 -8.48 10.06
N SER A 107 -25.32 -7.35 9.50
CA SER A 107 -25.33 -6.11 10.27
C SER A 107 -26.76 -5.66 10.60
N ALA A 108 -27.77 -6.25 9.95
CA ALA A 108 -29.16 -5.93 10.23
C ALA A 108 -29.74 -6.81 11.32
N ILE A 109 -29.00 -7.86 11.76
CA ILE A 109 -29.56 -8.79 12.75
C ILE A 109 -28.60 -9.08 13.89
N ASN A 110 -27.59 -8.24 14.07
CA ASN A 110 -26.54 -8.48 15.06
C ASN A 110 -26.75 -7.57 16.27
N VAL A 111 -25.98 -7.80 17.34
CA VAL A 111 -26.02 -6.93 18.51
C VAL A 111 -25.70 -5.50 18.07
N GLY A 112 -24.64 -5.39 17.26
CA GLY A 112 -24.25 -4.17 16.57
C GLY A 112 -22.99 -3.55 17.15
N VAL A 113 -22.21 -4.34 17.94
CA VAL A 113 -21.01 -3.85 18.59
C VAL A 113 -19.93 -3.63 17.54
N TRP A 114 -19.21 -2.51 17.71
CA TRP A 114 -18.14 -2.13 16.80
C TRP A 114 -16.82 -2.28 17.55
N VAL A 115 -16.21 -3.44 17.35
CA VAL A 115 -15.03 -3.87 18.10
C VAL A 115 -14.04 -4.39 17.07
N ARG A 116 -13.20 -3.48 16.57
CA ARG A 116 -12.59 -3.66 15.27
C ARG A 116 -11.34 -4.53 15.30
N GLY A 117 -10.76 -4.72 16.49
CA GLY A 117 -9.52 -5.47 16.62
C GLY A 117 -8.33 -4.52 16.80
N THR A 118 -7.12 -5.02 16.51
CA THR A 118 -5.86 -4.40 16.93
C THR A 118 -4.92 -4.29 15.73
N LYS A 119 -3.84 -3.55 15.97
CA LYS A 119 -2.77 -3.38 15.01
C LYS A 119 -2.26 -4.71 14.47
N GLU A 120 -1.98 -5.67 15.34
CA GLU A 120 -1.46 -6.96 14.90
C GLU A 120 -2.46 -7.66 13.97
N ASP A 121 -3.76 -7.53 14.24
CA ASP A 121 -4.77 -8.10 13.36
C ASP A 121 -4.60 -7.60 11.92
N TYR A 122 -4.58 -6.27 11.75
CA TYR A 122 -4.57 -5.69 10.42
C TYR A 122 -3.23 -5.94 9.74
N ASP A 123 -2.14 -5.86 10.49
CA ASP A 123 -0.82 -6.11 9.98
C ASP A 123 -0.67 -7.56 9.54
N SER A 124 -1.32 -8.50 10.23
CA SER A 124 -1.15 -9.91 9.91
C SER A 124 -1.60 -10.24 8.49
N TRP A 125 -2.55 -9.47 7.91
CA TRP A 125 -3.05 -9.82 6.59
C TRP A 125 -1.91 -9.67 5.58
N GLU A 126 -1.13 -8.58 5.74
CA GLU A 126 0.01 -8.33 4.88
C GLU A 126 1.08 -9.39 5.13
N ALA A 127 1.32 -9.72 6.39
CA ALA A 127 2.34 -10.67 6.74
C ALA A 127 2.07 -12.03 6.10
N GLN A 128 0.78 -12.37 5.89
CA GLN A 128 0.47 -13.67 5.32
C GLN A 128 0.25 -13.57 3.82
N GLY A 129 0.61 -12.45 3.18
CA GLY A 129 0.77 -12.40 1.72
C GLY A 129 -0.13 -11.38 1.02
N ALA A 130 -0.84 -10.54 1.77
CA ALA A 130 -1.74 -9.56 1.20
C ALA A 130 -1.11 -8.18 1.26
N LYS A 131 -0.25 -7.90 0.26
CA LYS A 131 0.55 -6.70 0.31
C LYS A 131 -0.35 -5.47 0.27
N GLY A 132 -0.14 -4.52 1.18
CA GLY A 132 -0.90 -3.28 1.15
C GLY A 132 -2.06 -3.26 2.15
N TRP A 133 -2.36 -4.41 2.76
CA TRP A 133 -3.42 -4.55 3.75
C TRP A 133 -2.81 -4.63 5.14
N ASN A 134 -2.82 -3.49 5.86
CA ASN A 134 -2.09 -3.35 7.10
C ASN A 134 -2.80 -2.35 7.99
N PHE A 135 -2.29 -2.17 9.20
CA PHE A 135 -2.96 -1.31 10.17
C PHE A 135 -2.98 0.14 9.71
N SER A 136 -1.94 0.56 9.01
CA SER A 136 -1.83 1.94 8.56
C SER A 136 -2.96 2.26 7.59
N LYS A 137 -3.19 1.35 6.63
CA LYS A 137 -4.32 1.49 5.74
C LYS A 137 -5.64 1.40 6.50
N ALA A 138 -5.73 0.48 7.47
CA ALA A 138 -6.96 0.36 8.25
C ALA A 138 -7.32 1.70 8.92
N LEU A 139 -6.34 2.32 9.59
CA LEU A 139 -6.56 3.60 10.25
C LEU A 139 -7.08 4.65 9.27
N GLU A 140 -6.47 4.71 8.08
CA GLU A 140 -6.93 5.60 7.01
C GLU A 140 -8.39 5.33 6.64
N MET A 141 -8.76 4.06 6.48
CA MET A 141 -10.14 3.73 6.17
C MET A 141 -11.08 4.04 7.35
N PHE A 142 -10.66 3.82 8.59
CA PHE A 142 -11.57 4.05 9.73
C PHE A 142 -11.86 5.55 9.90
N GLN A 143 -11.05 6.43 9.29
CA GLN A 143 -11.36 7.86 9.29
C GLN A 143 -12.59 8.10 8.43
N LYS A 144 -12.66 7.39 7.30
CA LYS A 144 -13.80 7.48 6.40
C LYS A 144 -15.03 6.72 6.90
N ILE A 145 -14.83 5.65 7.69
CA ILE A 145 -15.90 4.76 8.13
C ILE A 145 -16.54 5.28 9.41
N GLU A 146 -15.74 5.58 10.43
CA GLU A 146 -16.28 5.84 11.76
C GLU A 146 -16.76 7.27 11.94
N GLN A 147 -17.89 7.39 12.66
CA GLN A 147 -18.39 8.65 13.17
C GLN A 147 -18.66 8.49 14.66
N THR A 148 -17.62 8.71 15.47
CA THR A 148 -17.71 8.49 16.90
C THR A 148 -17.18 9.71 17.66
N ASN A 149 -17.72 9.91 18.88
CA ASN A 149 -17.22 10.92 19.80
C ASN A 149 -15.88 10.52 20.40
N LEU A 150 -15.39 9.31 20.08
CA LEU A 150 -14.02 8.94 20.42
C LEU A 150 -13.04 9.68 19.51
N GLY A 151 -13.54 10.23 18.39
CA GLY A 151 -12.74 10.99 17.46
C GLY A 151 -13.07 12.48 17.59
N PRO A 152 -12.38 13.40 16.86
CA PRO A 152 -11.30 13.04 15.94
C PRO A 152 -10.01 12.68 16.69
N SER A 153 -9.28 11.71 16.10
CA SER A 153 -7.97 11.31 16.57
C SER A 153 -7.31 10.45 15.49
N LYS A 154 -6.07 10.06 15.72
CA LYS A 154 -5.40 9.15 14.81
C LYS A 154 -6.11 7.79 14.79
N TYR A 155 -6.84 7.44 15.86
CA TYR A 155 -7.48 6.12 15.98
C TYR A 155 -8.92 6.08 15.47
N HIS A 156 -9.62 7.23 15.46
CA HIS A 156 -11.06 7.24 15.24
C HIS A 156 -11.49 8.46 14.41
N GLY A 157 -12.36 8.19 13.43
CA GLY A 157 -13.08 9.23 12.72
C GLY A 157 -14.23 9.82 13.52
N ASP A 158 -14.47 11.12 13.28
CA ASP A 158 -15.59 11.84 13.86
C ASP A 158 -16.64 12.14 12.80
N LYS A 159 -16.30 11.99 11.52
CA LYS A 159 -17.16 12.47 10.45
C LYS A 159 -17.35 11.41 9.37
N GLY A 160 -17.12 10.13 9.70
CA GLY A 160 -17.26 9.08 8.71
C GLY A 160 -18.73 8.70 8.52
N LYS A 161 -18.96 7.62 7.77
CA LYS A 161 -20.29 7.23 7.32
C LYS A 161 -21.07 6.52 8.41
N VAL A 162 -20.40 5.81 9.33
CA VAL A 162 -21.11 4.93 10.25
C VAL A 162 -21.10 5.52 11.64
N LYS A 163 -22.27 5.97 12.10
CA LYS A 163 -22.43 6.55 13.43
C LYS A 163 -22.32 5.44 14.47
N LEU A 164 -21.48 5.69 15.49
CA LEU A 164 -21.24 4.79 16.59
C LEU A 164 -21.57 5.51 17.90
N THR A 165 -22.34 4.83 18.76
CA THR A 165 -22.77 5.36 20.04
C THR A 165 -22.49 4.32 21.13
N ASP A 166 -22.21 4.81 22.34
CA ASP A 166 -22.03 3.96 23.51
C ASP A 166 -23.28 3.14 23.74
N SER A 167 -23.10 1.87 24.13
CA SER A 167 -24.22 1.04 24.55
C SER A 167 -25.00 1.77 25.64
N SER A 168 -26.33 1.72 25.55
CA SER A 168 -27.15 2.27 26.62
C SER A 168 -27.33 1.20 27.68
N TYR A 169 -27.34 1.62 28.96
CA TYR A 169 -27.53 0.68 30.05
C TYR A 169 -28.27 1.36 31.19
N PRO A 170 -29.06 0.61 31.99
CA PRO A 170 -29.85 1.20 33.08
C PRO A 170 -29.21 1.26 34.45
N THR A 171 -28.04 0.64 34.61
CA THR A 171 -27.53 0.37 35.95
C THR A 171 -26.15 0.97 36.15
N PRO A 172 -25.89 1.61 37.32
CA PRO A 172 -24.56 2.11 37.66
C PRO A 172 -23.56 0.98 37.90
N PHE A 173 -24.06 -0.25 38.05
CA PHE A 173 -23.20 -1.40 38.27
C PHE A 173 -22.19 -1.60 37.13
N VAL A 174 -22.41 -1.00 35.96
CA VAL A 174 -21.43 -1.12 34.88
C VAL A 174 -20.07 -0.64 35.36
N HIS A 175 -20.06 0.41 36.20
CA HIS A 175 -18.81 0.96 36.72
C HIS A 175 -18.07 -0.06 37.58
N THR A 176 -18.82 -0.82 38.41
CA THR A 176 -18.27 -1.87 39.26
C THR A 176 -17.56 -2.95 38.44
N LEU A 177 -18.10 -3.28 37.24
CA LEU A 177 -17.49 -4.28 36.37
C LEU A 177 -16.17 -3.75 35.83
N LEU A 178 -16.16 -2.49 35.41
CA LEU A 178 -14.97 -1.88 34.84
C LEU A 178 -13.88 -1.85 35.91
N ASN A 179 -14.25 -1.45 37.13
CA ASN A 179 -13.30 -1.35 38.25
C ASN A 179 -12.75 -2.73 38.60
N GLY A 180 -13.63 -3.74 38.58
CA GLY A 180 -13.22 -5.11 38.84
C GLY A 180 -12.13 -5.62 37.90
N PHE A 181 -12.27 -5.33 36.60
CA PHE A 181 -11.27 -5.71 35.61
C PHE A 181 -9.93 -5.03 35.95
N LYS A 182 -9.97 -3.74 36.29
CA LYS A 182 -8.73 -3.05 36.62
C LYS A 182 -8.12 -3.64 37.90
N GLU A 183 -8.96 -3.81 38.94
CA GLU A 183 -8.50 -4.35 40.20
C GLU A 183 -7.89 -5.74 40.05
N ALA A 184 -8.38 -6.52 39.07
CA ALA A 184 -7.88 -7.88 38.90
C ALA A 184 -6.51 -7.87 38.22
N GLY A 185 -6.07 -6.71 37.72
CA GLY A 185 -4.81 -6.66 36.98
C GLY A 185 -4.94 -7.04 35.49
N PHE A 186 -6.16 -7.00 34.94
CA PHE A 186 -6.38 -7.41 33.56
C PHE A 186 -5.91 -6.35 32.58
N GLY A 187 -5.85 -5.09 33.04
CA GLY A 187 -5.50 -3.95 32.19
C GLY A 187 -6.23 -2.68 32.65
N GLU A 188 -6.36 -1.71 31.74
CA GLU A 188 -6.85 -0.40 32.10
C GLU A 188 -8.28 -0.23 31.64
N ILE A 189 -8.89 0.84 32.11
CA ILE A 189 -10.20 1.27 31.67
C ILE A 189 -10.01 2.32 30.59
N GLY A 190 -10.55 2.08 29.39
CA GLY A 190 -10.29 2.95 28.26
C GLY A 190 -10.47 2.21 26.93
N ASP A 191 -10.03 2.85 25.84
CA ASP A 191 -10.45 2.48 24.50
C ASP A 191 -9.55 1.35 23.97
N TYR A 192 -10.07 0.13 23.92
CA TYR A 192 -9.28 -1.02 23.48
C TYR A 192 -8.89 -0.89 22.00
N ALA A 193 -9.58 -0.05 21.24
CA ALA A 193 -9.28 0.18 19.83
C ALA A 193 -8.39 1.41 19.65
N GLY A 194 -7.83 1.91 20.76
CA GLY A 194 -6.95 3.08 20.77
C GLY A 194 -5.49 2.68 20.99
N GLU A 195 -4.78 3.48 21.79
CA GLU A 195 -3.36 3.26 22.03
C GLU A 195 -3.13 2.02 22.88
N ASN A 196 -3.93 1.81 23.94
CA ASN A 196 -3.71 0.66 24.81
C ASN A 196 -4.76 -0.42 24.55
N PRO A 197 -4.44 -1.50 23.82
CA PRO A 197 -5.42 -2.56 23.54
C PRO A 197 -5.86 -3.37 24.76
N TYR A 198 -5.06 -3.37 25.83
CA TYR A 198 -5.35 -4.20 26.99
C TYR A 198 -6.21 -3.39 27.95
N SER A 199 -7.42 -3.07 27.50
CA SER A 199 -8.34 -2.19 28.19
C SER A 199 -9.74 -2.78 28.17
N ILE A 200 -10.57 -2.24 29.08
CA ILE A 200 -12.00 -2.51 29.14
C ILE A 200 -12.72 -1.20 28.88
N ASP A 201 -13.79 -1.27 28.07
CA ASP A 201 -14.60 -0.11 27.80
C ASP A 201 -16.05 -0.55 27.59
N ILE A 202 -16.94 0.43 27.70
CA ILE A 202 -18.28 0.33 27.17
C ILE A 202 -18.19 0.16 25.66
N MET A 203 -18.94 -0.81 25.11
CA MET A 203 -18.86 -1.06 23.68
C MET A 203 -19.71 -0.03 22.97
N GLN A 204 -19.16 0.54 21.89
CA GLN A 204 -19.96 1.33 20.95
C GLN A 204 -20.65 0.40 19.95
N LYS A 205 -21.76 0.90 19.38
CA LYS A 205 -22.63 0.12 18.52
C LYS A 205 -23.16 1.00 17.40
N ILE A 206 -23.65 0.35 16.33
CA ILE A 206 -24.19 1.00 15.14
C ILE A 206 -25.63 1.42 15.37
N TYR A 207 -25.84 2.26 16.40
CA TYR A 207 -27.15 2.78 16.71
C TYR A 207 -27.05 4.31 16.73
N GLU A 208 -28.12 4.93 16.21
CA GLU A 208 -28.33 6.37 16.27
C GLU A 208 -29.70 6.59 16.89
N ASN A 209 -29.72 7.31 18.02
CA ASN A 209 -30.95 7.57 18.73
C ASN A 209 -31.67 6.24 19.01
N ASN A 210 -30.91 5.30 19.61
CA ASN A 210 -31.41 3.99 20.04
C ASN A 210 -32.09 3.20 18.91
N THR A 211 -31.64 3.41 17.67
CA THR A 211 -32.20 2.74 16.51
C THR A 211 -31.03 2.32 15.60
N ARG A 212 -31.08 1.06 15.13
CA ARG A 212 -29.97 0.52 14.37
C ARG A 212 -29.85 1.30 13.08
N ARG A 213 -28.62 1.69 12.76
CA ARG A 213 -28.31 2.24 11.45
C ARG A 213 -27.12 1.48 10.92
N THR A 214 -27.40 0.66 9.91
CA THR A 214 -26.44 -0.29 9.40
C THR A 214 -25.50 0.47 8.50
N PRO A 215 -24.34 -0.13 8.15
CA PRO A 215 -23.56 0.37 7.02
C PRO A 215 -24.40 0.56 5.76
N ALA A 216 -25.28 -0.37 5.42
CA ALA A 216 -26.13 -0.22 4.24
C ALA A 216 -27.03 1.03 4.34
N ASP A 217 -27.64 1.28 5.50
CA ASP A 217 -28.42 2.49 5.70
C ASP A 217 -27.57 3.72 5.45
N SER A 218 -26.30 3.63 5.88
CA SER A 218 -25.39 4.76 5.96
C SER A 218 -24.77 5.05 4.60
N TYR A 219 -24.55 4.00 3.78
CA TYR A 219 -23.92 4.14 2.48
C TYR A 219 -24.92 4.18 1.33
N LEU A 220 -26.11 3.59 1.51
CA LEU A 220 -27.13 3.58 0.47
C LEU A 220 -28.28 4.48 0.92
N THR A 221 -27.98 5.77 1.11
CA THR A 221 -28.95 6.76 1.53
C THR A 221 -29.87 7.10 0.36
N GLU A 222 -30.90 7.91 0.64
CA GLU A 222 -31.80 8.42 -0.40
C GLU A 222 -30.99 9.02 -1.55
N ASP A 223 -30.00 9.84 -1.22
CA ASP A 223 -29.19 10.49 -2.24
C ASP A 223 -28.49 9.48 -3.13
N VAL A 224 -27.93 8.43 -2.51
CA VAL A 224 -27.11 7.50 -3.25
C VAL A 224 -28.03 6.70 -4.17
N ARG A 225 -29.17 6.30 -3.61
CA ARG A 225 -30.11 5.44 -4.33
C ARG A 225 -30.73 6.20 -5.52
N ALA A 226 -30.76 7.54 -5.43
CA ALA A 226 -31.32 8.38 -6.48
C ALA A 226 -30.37 8.48 -7.68
N ARG A 227 -29.12 8.07 -7.51
CA ARG A 227 -28.17 8.08 -8.62
C ARG A 227 -28.66 7.19 -9.74
N GLU A 228 -28.59 7.70 -10.98
CA GLU A 228 -29.10 6.99 -12.14
C GLU A 228 -28.21 5.80 -12.46
N ASN A 229 -26.97 5.82 -12.01
CA ASN A 229 -25.99 4.78 -12.37
C ASN A 229 -25.92 3.66 -11.32
N LEU A 230 -26.88 3.64 -10.38
CA LEU A 230 -26.99 2.58 -9.39
C LEU A 230 -28.36 1.95 -9.51
N THR A 231 -28.40 0.62 -9.73
CA THR A 231 -29.63 -0.15 -9.67
C THR A 231 -29.52 -1.16 -8.53
N ILE A 232 -30.49 -1.17 -7.64
CA ILE A 232 -30.58 -2.15 -6.57
C ILE A 232 -31.80 -3.01 -6.86
N ILE A 233 -31.62 -4.34 -6.95
CA ILE A 233 -32.75 -5.26 -6.99
C ILE A 233 -32.73 -6.15 -5.75
N THR A 234 -33.81 -6.11 -4.95
CA THR A 234 -34.02 -7.06 -3.85
C THR A 234 -34.86 -8.24 -4.33
N HIS A 235 -34.98 -9.24 -3.46
CA HIS A 235 -35.56 -10.53 -3.83
C HIS A 235 -34.95 -11.05 -5.13
N ALA A 236 -33.62 -10.93 -5.21
CA ALA A 236 -32.84 -11.42 -6.34
C ALA A 236 -31.80 -12.41 -5.85
N PHE A 237 -32.06 -13.70 -6.10
CA PHE A 237 -31.26 -14.78 -5.56
C PHE A 237 -30.30 -15.26 -6.65
N VAL A 238 -29.01 -15.00 -6.45
CA VAL A 238 -28.03 -15.37 -7.45
C VAL A 238 -27.74 -16.86 -7.31
N ARG A 239 -27.75 -17.57 -8.44
CA ARG A 239 -27.56 -19.00 -8.47
C ARG A 239 -26.17 -19.39 -8.93
N LYS A 240 -25.53 -18.58 -9.79
CA LYS A 240 -24.19 -18.89 -10.23
C LYS A 240 -23.65 -17.71 -11.04
N VAL A 241 -22.34 -17.72 -11.19
CA VAL A 241 -21.62 -16.72 -11.97
C VAL A 241 -21.49 -17.31 -13.36
N LEU A 242 -21.59 -16.43 -14.37
CA LEU A 242 -21.51 -16.85 -15.77
C LEU A 242 -20.16 -16.45 -16.33
N PHE A 243 -19.62 -17.33 -17.20
CA PHE A 243 -18.30 -17.17 -17.78
C PHE A 243 -18.35 -17.30 -19.30
N GLU A 244 -17.39 -16.62 -19.94
CA GLU A 244 -16.94 -16.90 -21.29
C GLU A 244 -15.46 -17.27 -21.17
N GLY A 245 -15.13 -18.53 -21.40
CA GLY A 245 -13.83 -19.05 -21.02
C GLY A 245 -13.62 -18.84 -19.51
N THR A 246 -12.49 -18.22 -19.15
CA THR A 246 -12.13 -18.01 -17.75
C THR A 246 -12.49 -16.59 -17.36
N LYS A 247 -13.30 -15.90 -18.20
CA LYS A 247 -13.68 -14.53 -17.92
C LYS A 247 -15.11 -14.49 -17.37
N ALA A 248 -15.28 -13.85 -16.21
CA ALA A 248 -16.60 -13.68 -15.61
C ALA A 248 -17.36 -12.55 -16.32
N ILE A 249 -18.55 -12.86 -16.84
CA ILE A 249 -19.30 -11.91 -17.66
C ILE A 249 -20.66 -11.55 -17.09
N GLY A 250 -21.19 -12.36 -16.15
CA GLY A 250 -22.53 -12.11 -15.63
C GLY A 250 -22.91 -13.05 -14.49
N VAL A 251 -24.20 -13.02 -14.13
CA VAL A 251 -24.78 -13.92 -13.14
C VAL A 251 -26.12 -14.45 -13.62
N GLU A 252 -26.44 -15.68 -13.19
CA GLU A 252 -27.77 -16.23 -13.30
C GLU A 252 -28.52 -15.94 -11.99
N VAL A 253 -29.64 -15.23 -12.11
CA VAL A 253 -30.31 -14.71 -10.93
C VAL A 253 -31.81 -14.94 -11.04
N GLU A 254 -32.37 -15.37 -9.91
CA GLU A 254 -33.80 -15.55 -9.81
C GLU A 254 -34.42 -14.31 -9.18
N ILE A 255 -35.33 -13.70 -9.95
CA ILE A 255 -36.09 -12.55 -9.51
C ILE A 255 -37.55 -12.91 -9.58
N ASP A 256 -38.16 -13.11 -8.39
CA ASP A 256 -39.59 -13.28 -8.24
C ASP A 256 -40.03 -14.56 -8.97
N GLY A 257 -39.33 -15.68 -8.75
CA GLY A 257 -39.74 -16.95 -9.30
C GLY A 257 -39.43 -17.14 -10.79
N GLN A 258 -38.70 -16.20 -11.40
CA GLN A 258 -38.22 -16.40 -12.76
C GLN A 258 -36.74 -16.03 -12.91
N ILE A 259 -36.06 -16.72 -13.83
CA ILE A 259 -34.61 -16.67 -13.91
C ILE A 259 -34.19 -15.75 -15.05
N GLN A 260 -33.23 -14.88 -14.78
CA GLN A 260 -32.63 -13.97 -15.75
C GLN A 260 -31.13 -14.14 -15.73
N ASN A 261 -30.49 -13.84 -16.87
CA ASN A 261 -29.04 -13.64 -16.91
C ASN A 261 -28.76 -12.15 -16.97
N MET A 262 -27.98 -11.64 -16.03
CA MET A 262 -27.58 -10.24 -16.03
C MET A 262 -26.06 -10.15 -16.23
N TYR A 263 -25.62 -9.13 -16.98
CA TYR A 263 -24.26 -9.06 -17.49
C TYR A 263 -23.57 -7.77 -17.06
N ALA A 264 -22.25 -7.88 -16.91
CA ALA A 264 -21.38 -6.77 -16.57
C ALA A 264 -20.25 -6.67 -17.59
N SER A 265 -19.97 -5.44 -18.03
CA SER A 265 -18.93 -5.23 -19.02
C SER A 265 -17.53 -5.21 -18.38
N LYS A 266 -17.42 -4.93 -17.09
CA LYS A 266 -16.11 -4.94 -16.43
C LYS A 266 -15.95 -6.15 -15.49
N GLU A 267 -16.73 -6.23 -14.40
CA GLU A 267 -16.46 -7.27 -13.44
C GLU A 267 -17.69 -7.65 -12.60
N ILE A 268 -17.61 -8.86 -12.05
CA ILE A 268 -18.52 -9.38 -11.05
C ILE A 268 -17.82 -9.36 -9.69
N ILE A 269 -18.51 -8.88 -8.65
CA ILE A 269 -17.98 -8.78 -7.30
C ILE A 269 -18.90 -9.59 -6.38
N LEU A 270 -18.33 -10.61 -5.73
CA LEU A 270 -19.09 -11.43 -4.78
C LEU A 270 -18.93 -10.87 -3.38
N SER A 271 -20.07 -10.54 -2.77
CA SER A 271 -20.12 -10.03 -1.43
C SER A 271 -21.22 -10.78 -0.67
N ALA A 272 -21.29 -12.10 -0.89
CA ALA A 272 -22.39 -12.92 -0.38
C ALA A 272 -22.11 -13.50 1.00
N GLY A 273 -20.92 -13.17 1.55
CA GLY A 273 -20.53 -13.57 2.90
C GLY A 273 -19.79 -14.92 2.96
N THR A 274 -19.31 -15.25 4.16
CA THR A 274 -18.44 -16.40 4.37
C THR A 274 -19.09 -17.71 3.93
N PHE A 275 -20.41 -17.86 4.11
CA PHE A 275 -21.07 -19.12 3.81
C PHE A 275 -21.42 -19.20 2.32
N ASN A 276 -22.02 -18.14 1.76
CA ASN A 276 -22.63 -18.23 0.43
C ASN A 276 -21.63 -17.91 -0.70
N THR A 277 -20.61 -17.05 -0.45
CA THR A 277 -19.59 -16.75 -1.46
C THR A 277 -18.91 -18.04 -1.95
N PRO A 278 -18.31 -18.87 -1.06
CA PRO A 278 -17.67 -20.10 -1.52
C PRO A 278 -18.62 -21.06 -2.20
N LYS A 279 -19.85 -21.16 -1.70
CA LYS A 279 -20.88 -21.97 -2.36
C LYS A 279 -21.08 -21.54 -3.82
N LEU A 280 -21.23 -20.24 -4.04
CA LEU A 280 -21.47 -19.68 -5.38
C LEU A 280 -20.27 -19.97 -6.28
N LEU A 281 -19.07 -19.77 -5.74
CA LEU A 281 -17.85 -20.05 -6.49
C LEU A 281 -17.83 -21.51 -6.94
N LYS A 282 -18.09 -22.44 -6.02
CA LYS A 282 -18.03 -23.86 -6.32
C LYS A 282 -19.08 -24.24 -7.37
N LEU A 283 -20.32 -23.76 -7.20
CA LEU A 283 -21.39 -24.06 -8.13
C LEU A 283 -21.06 -23.54 -9.53
N SER A 284 -20.24 -22.49 -9.59
CA SER A 284 -19.91 -21.80 -10.82
C SER A 284 -18.69 -22.38 -11.52
N GLY A 285 -18.04 -23.37 -10.90
CA GLY A 285 -16.89 -24.04 -11.50
C GLY A 285 -15.53 -23.49 -11.02
N VAL A 286 -15.53 -22.78 -9.88
CA VAL A 286 -14.32 -22.23 -9.30
C VAL A 286 -14.13 -22.86 -7.92
N GLY A 287 -13.19 -23.80 -7.80
CA GLY A 287 -13.00 -24.46 -6.52
C GLY A 287 -12.12 -25.68 -6.63
N PRO A 288 -12.08 -26.51 -5.57
CA PRO A 288 -11.24 -27.69 -5.53
C PRO A 288 -11.71 -28.69 -6.58
N ARG A 289 -10.78 -29.13 -7.44
CA ARG A 289 -11.13 -29.96 -8.60
C ARG A 289 -11.88 -31.21 -8.16
N GLU A 290 -11.38 -31.90 -7.14
CA GLU A 290 -11.97 -33.18 -6.72
C GLU A 290 -13.43 -33.03 -6.33
N GLU A 291 -13.75 -32.01 -5.51
CA GLU A 291 -15.14 -31.84 -5.09
C GLU A 291 -16.01 -31.48 -6.30
N LEU A 292 -15.56 -30.55 -7.16
CA LEU A 292 -16.39 -30.15 -8.28
C LEU A 292 -16.64 -31.33 -9.19
N GLU A 293 -15.59 -32.13 -9.50
CA GLU A 293 -15.75 -33.28 -10.39
C GLU A 293 -16.69 -34.31 -9.79
N LYS A 294 -16.63 -34.51 -8.46
CA LYS A 294 -17.53 -35.44 -7.79
C LYS A 294 -18.98 -35.08 -8.08
N PHE A 295 -19.28 -33.77 -8.14
CA PHE A 295 -20.63 -33.31 -8.41
C PHE A 295 -20.89 -33.11 -9.90
N GLY A 296 -19.92 -33.35 -10.77
CA GLY A 296 -20.15 -33.17 -12.20
C GLY A 296 -20.11 -31.71 -12.62
N ILE A 297 -19.50 -30.85 -11.78
CA ILE A 297 -19.41 -29.43 -12.10
C ILE A 297 -18.16 -29.19 -12.93
N PRO A 298 -18.26 -28.65 -14.17
CA PRO A 298 -17.04 -28.36 -14.93
C PRO A 298 -16.12 -27.41 -14.17
N VAL A 299 -14.84 -27.80 -14.07
CA VAL A 299 -13.84 -26.97 -13.43
C VAL A 299 -13.27 -25.93 -14.39
N ILE A 300 -13.67 -24.68 -14.17
CA ILE A 300 -13.21 -23.54 -14.93
C ILE A 300 -11.87 -23.06 -14.35
N ALA A 301 -11.75 -23.10 -13.03
CA ALA A 301 -10.48 -22.84 -12.35
C ALA A 301 -10.39 -23.72 -11.12
N ASN A 302 -9.29 -24.49 -11.05
CA ASN A 302 -8.98 -25.31 -9.89
C ASN A 302 -8.42 -24.36 -8.84
N VAL A 303 -9.22 -24.08 -7.80
CA VAL A 303 -8.79 -23.21 -6.71
C VAL A 303 -9.00 -23.96 -5.40
N PRO A 304 -7.99 -24.72 -4.92
CA PRO A 304 -8.14 -25.58 -3.74
C PRO A 304 -8.61 -24.85 -2.48
N GLY A 305 -8.30 -23.55 -2.38
CA GLY A 305 -8.57 -22.76 -1.18
C GLY A 305 -10.03 -22.42 -0.96
N VAL A 306 -10.87 -22.52 -2.00
CA VAL A 306 -12.27 -22.14 -1.93
C VAL A 306 -12.97 -23.09 -0.95
N GLY A 307 -13.59 -22.51 0.08
CA GLY A 307 -14.28 -23.30 1.09
C GLY A 307 -13.37 -23.83 2.18
N GLU A 308 -12.05 -23.64 2.07
CA GLU A 308 -11.11 -24.07 3.10
C GLU A 308 -10.87 -22.90 4.05
N ASN A 309 -10.15 -23.17 5.13
CA ASN A 309 -9.72 -22.13 6.05
C ASN A 309 -10.89 -21.47 6.79
N LEU A 310 -12.04 -22.15 6.91
CA LEU A 310 -13.16 -21.60 7.66
C LEU A 310 -12.73 -21.50 9.12
N ASN A 311 -12.87 -20.31 9.68
CA ASN A 311 -12.67 -20.15 11.12
C ASN A 311 -13.63 -19.13 11.71
N ASP A 312 -13.74 -19.23 13.03
CA ASP A 312 -14.78 -18.56 13.78
C ASP A 312 -14.35 -18.55 15.25
N HIS A 313 -14.97 -17.66 16.02
CA HIS A 313 -14.76 -17.59 17.45
C HIS A 313 -15.82 -18.44 18.18
N LEU A 314 -15.42 -18.99 19.33
CA LEU A 314 -16.32 -19.56 20.31
C LEU A 314 -16.28 -18.73 21.59
N MET A 315 -17.43 -18.68 22.25
CA MET A 315 -17.62 -17.99 23.52
C MET A 315 -18.12 -19.01 24.56
N PHE A 316 -17.71 -18.80 25.80
CA PHE A 316 -18.17 -19.59 26.93
C PHE A 316 -18.47 -18.62 28.06
N THR A 317 -19.70 -18.66 28.57
CA THR A 317 -20.15 -17.66 29.53
C THR A 317 -20.01 -18.21 30.95
N LEU A 318 -19.29 -17.44 31.80
CA LEU A 318 -19.28 -17.63 33.24
C LEU A 318 -20.40 -16.80 33.86
N LYS A 319 -21.24 -17.46 34.69
CA LYS A 319 -22.43 -16.86 35.26
C LYS A 319 -22.30 -16.79 36.78
N PHE A 320 -22.77 -15.68 37.37
CA PHE A 320 -22.60 -15.42 38.80
C PHE A 320 -23.89 -14.85 39.35
N VAL A 321 -24.46 -15.50 40.38
CA VAL A 321 -25.66 -15.01 41.04
C VAL A 321 -25.21 -14.20 42.26
N SER A 322 -25.92 -13.10 42.54
CA SER A 322 -25.56 -12.19 43.61
C SER A 322 -26.62 -12.24 44.73
N GLU A 323 -26.18 -12.19 45.98
CA GLU A 323 -27.08 -11.88 47.09
C GLU A 323 -27.40 -10.38 47.13
N LYS A 324 -26.47 -9.53 46.66
CA LYS A 324 -26.64 -8.09 46.75
C LYS A 324 -27.41 -7.56 45.53
N ASN A 325 -28.36 -6.67 45.78
CA ASN A 325 -29.16 -6.08 44.71
C ASN A 325 -28.24 -5.36 43.73
N ILE A 326 -28.52 -5.52 42.44
CA ILE A 326 -27.91 -4.69 41.42
C ILE A 326 -29.02 -3.85 40.84
N GLU A 327 -28.94 -2.53 41.07
CA GLU A 327 -30.05 -1.62 40.89
C GLU A 327 -30.44 -1.52 39.42
N ASP A 328 -31.74 -1.68 39.16
CA ASP A 328 -32.34 -1.52 37.84
C ASP A 328 -31.68 -2.47 36.83
N SER A 329 -31.28 -3.67 37.28
CA SER A 329 -30.65 -4.66 36.41
C SER A 329 -31.68 -5.62 35.82
N ILE A 330 -32.85 -5.72 36.45
CA ILE A 330 -33.86 -6.72 36.11
C ILE A 330 -34.98 -6.01 35.35
N PHE A 331 -35.13 -6.31 34.06
CA PHE A 331 -36.19 -5.71 33.25
C PHE A 331 -36.48 -6.63 32.08
N ASN A 332 -37.56 -6.35 31.36
CA ASN A 332 -38.00 -7.19 30.27
C ASN A 332 -38.02 -6.34 28.99
N PRO A 333 -36.99 -6.43 28.13
CA PRO A 333 -36.96 -5.62 26.90
C PRO A 333 -37.93 -6.09 25.82
N LEU A 334 -38.57 -7.26 26.04
CA LEU A 334 -39.48 -7.85 25.06
C LEU A 334 -40.96 -7.57 25.35
N SER A 335 -41.30 -6.91 26.45
CA SER A 335 -42.69 -6.64 26.80
C SER A 335 -43.32 -5.62 25.85
N ASP A 336 -44.65 -5.70 25.69
CA ASP A 336 -45.38 -4.85 24.77
C ASP A 336 -45.24 -3.39 25.18
N GLU A 337 -45.15 -3.15 26.50
CA GLU A 337 -44.99 -1.79 27.03
C GLU A 337 -43.61 -1.23 26.70
N ALA A 338 -42.58 -2.07 26.86
CA ALA A 338 -41.23 -1.69 26.50
C ALA A 338 -41.15 -1.33 25.02
N ILE A 339 -41.61 -2.26 24.17
CA ILE A 339 -41.52 -2.10 22.74
C ILE A 339 -42.29 -0.85 22.31
N ASP A 340 -43.50 -0.66 22.85
CA ASP A 340 -44.27 0.55 22.55
C ASP A 340 -43.50 1.80 22.96
N GLN A 341 -42.96 1.80 24.18
CA GLN A 341 -42.21 2.96 24.64
C GLN A 341 -41.09 3.27 23.63
N TRP A 342 -40.50 2.20 23.07
CA TRP A 342 -39.40 2.35 22.11
C TRP A 342 -39.93 2.97 20.81
N TYR A 343 -41.00 2.41 20.25
CA TYR A 343 -41.59 2.97 19.04
C TYR A 343 -41.90 4.45 19.27
N LYS A 344 -42.50 4.76 20.42
CA LYS A 344 -43.03 6.09 20.68
C LYS A 344 -41.91 7.13 20.76
N ASN A 345 -40.93 6.95 21.65
CA ASN A 345 -39.91 7.96 21.82
C ASN A 345 -38.50 7.37 21.99
N LYS A 346 -38.30 6.11 21.58
CA LYS A 346 -36.97 5.51 21.54
C LYS A 346 -36.31 5.52 22.92
N THR A 347 -37.09 5.22 23.96
CA THR A 347 -36.56 5.04 25.31
C THR A 347 -37.22 3.82 25.94
N GLY A 348 -36.71 3.44 27.11
CA GLY A 348 -37.32 2.41 27.92
C GLY A 348 -36.50 1.12 27.90
N PRO A 349 -37.03 0.02 28.49
CA PRO A 349 -36.28 -1.24 28.61
C PRO A 349 -35.76 -1.88 27.32
N SER A 350 -36.45 -1.65 26.20
CA SER A 350 -36.08 -2.23 24.91
C SER A 350 -34.78 -1.59 24.39
N SER A 351 -34.31 -0.53 25.04
CA SER A 351 -33.07 0.15 24.65
C SER A 351 -31.86 -0.67 25.10
N TYR A 352 -32.06 -1.61 26.02
CA TYR A 352 -30.94 -2.18 26.76
C TYR A 352 -30.65 -3.59 26.28
N TYR A 353 -29.41 -3.78 25.79
CA TYR A 353 -28.86 -5.12 25.60
C TYR A 353 -27.90 -5.41 26.75
N PRO A 354 -28.01 -6.55 27.48
CA PRO A 354 -27.18 -6.82 28.66
C PRO A 354 -25.66 -6.81 28.47
N GLY A 355 -25.19 -7.29 27.31
CA GLY A 355 -23.76 -7.25 26.99
C GLY A 355 -23.34 -5.82 26.63
N VAL A 356 -22.66 -5.14 27.57
CA VAL A 356 -22.46 -3.69 27.49
C VAL A 356 -20.98 -3.33 27.46
N ALA A 357 -20.13 -4.12 28.11
CA ALA A 357 -18.71 -3.83 28.18
C ALA A 357 -17.85 -4.98 27.66
N SER A 358 -16.69 -4.64 27.10
CA SER A 358 -15.74 -5.63 26.68
C SER A 358 -14.33 -5.22 27.13
N GLY A 359 -13.55 -6.20 27.60
CA GLY A 359 -12.16 -6.02 27.89
C GLY A 359 -11.27 -7.05 27.21
N PHE A 360 -10.07 -6.61 26.82
CA PHE A 360 -9.08 -7.48 26.21
C PHE A 360 -7.91 -7.72 27.17
N VAL A 361 -7.44 -8.98 27.22
CA VAL A 361 -6.42 -9.38 28.18
C VAL A 361 -5.31 -10.18 27.52
N SER A 362 -4.18 -10.25 28.24
CA SER A 362 -3.05 -11.08 27.88
C SER A 362 -2.83 -12.08 29.02
N SER A 363 -3.45 -13.26 28.93
CA SER A 363 -3.56 -14.15 30.07
C SER A 363 -2.21 -14.68 30.54
N ASP A 364 -1.16 -14.53 29.71
CA ASP A 364 0.17 -15.01 30.02
C ASP A 364 1.15 -13.84 30.21
N GLY A 365 0.63 -12.60 30.20
CA GLY A 365 1.41 -11.44 30.61
C GLY A 365 2.31 -10.88 29.51
N THR A 366 2.46 -11.58 28.37
CA THR A 366 3.48 -11.21 27.39
C THR A 366 3.06 -9.98 26.59
N LYS A 367 1.75 -9.65 26.59
CA LYS A 367 1.26 -8.54 25.79
C LYS A 367 1.80 -8.61 24.36
N THR A 368 1.65 -9.78 23.72
CA THR A 368 2.02 -9.95 22.32
C THR A 368 0.78 -10.08 21.44
N GLY A 369 -0.29 -9.34 21.83
CA GLY A 369 -1.62 -9.50 21.23
C GLY A 369 -2.58 -10.11 22.24
N ALA A 370 -3.74 -9.49 22.43
CA ALA A 370 -4.69 -10.08 23.36
C ALA A 370 -5.01 -11.52 22.95
N ASP A 371 -5.18 -12.40 23.94
CA ASP A 371 -5.48 -13.79 23.71
C ASP A 371 -6.95 -14.09 24.05
N PHE A 372 -7.56 -13.29 24.95
CA PHE A 372 -8.96 -13.43 25.33
C PHE A 372 -9.68 -12.08 25.32
N GLU A 373 -10.95 -12.14 24.93
CA GLU A 373 -11.90 -11.07 25.14
C GLU A 373 -12.85 -11.48 26.26
N LEU A 374 -13.17 -10.53 27.13
CA LEU A 374 -14.15 -10.75 28.18
C LEU A 374 -15.30 -9.80 27.90
N ILE A 375 -16.52 -10.35 27.71
CA ILE A 375 -17.68 -9.50 27.52
C ILE A 375 -18.52 -9.56 28.80
N PHE A 376 -18.93 -8.39 29.32
CA PHE A 376 -19.59 -8.31 30.62
C PHE A 376 -21.06 -7.96 30.49
N THR A 377 -21.93 -8.64 31.25
CA THR A 377 -23.30 -8.22 31.48
C THR A 377 -23.53 -7.98 32.98
N TYR A 378 -24.60 -7.22 33.26
CA TYR A 378 -25.00 -6.83 34.61
C TYR A 378 -26.18 -7.71 35.05
N THR A 379 -26.31 -8.91 34.44
CA THR A 379 -27.30 -9.92 34.76
C THR A 379 -26.60 -11.29 34.79
N HIS A 380 -27.12 -12.26 35.55
CA HIS A 380 -26.50 -13.57 35.57
C HIS A 380 -26.60 -14.31 34.23
N GLY A 381 -27.64 -14.05 33.44
CA GLY A 381 -27.89 -14.75 32.19
C GLY A 381 -28.17 -16.25 32.40
N ALA A 382 -28.69 -16.65 33.58
CA ALA A 382 -28.90 -18.05 33.85
C ALA A 382 -30.22 -18.52 33.22
N ASP A 383 -30.24 -19.75 32.71
CA ASP A 383 -31.46 -20.39 32.25
C ASP A 383 -32.09 -21.21 33.38
N GLY A 384 -31.37 -21.42 34.49
CA GLY A 384 -31.95 -22.09 35.65
C GLY A 384 -31.60 -23.57 35.70
N THR A 385 -31.11 -24.14 34.58
CA THR A 385 -30.70 -25.54 34.54
C THR A 385 -29.21 -25.71 34.87
N GLU A 386 -28.49 -24.63 35.20
CA GLU A 386 -27.14 -24.75 35.69
C GLU A 386 -27.17 -25.50 37.02
N LYS A 387 -26.40 -26.59 37.12
CA LYS A 387 -26.37 -27.44 38.29
C LYS A 387 -26.10 -26.66 39.57
N GLU A 388 -25.20 -25.67 39.52
CA GLU A 388 -24.78 -24.95 40.70
C GLU A 388 -25.89 -24.03 41.22
N PHE A 389 -26.90 -23.76 40.39
CA PHE A 389 -27.98 -22.86 40.76
C PHE A 389 -29.27 -23.66 41.04
N ALA A 390 -29.16 -24.97 41.22
CA ALA A 390 -30.32 -25.85 41.22
C ALA A 390 -31.34 -25.45 42.30
N ASN A 391 -30.84 -25.02 43.46
CA ASN A 391 -31.69 -24.82 44.63
C ASN A 391 -32.02 -23.34 44.84
N ILE A 392 -31.74 -22.48 43.85
CA ILE A 392 -32.09 -21.07 43.94
C ILE A 392 -33.56 -20.88 43.58
N GLU A 393 -34.27 -20.10 44.40
CA GLU A 393 -35.66 -19.79 44.14
C GLU A 393 -35.74 -18.54 43.28
N ASP A 394 -36.66 -18.57 42.32
CA ASP A 394 -36.95 -17.43 41.46
C ASP A 394 -35.63 -16.84 40.94
N ILE A 395 -34.87 -17.68 40.21
CA ILE A 395 -33.56 -17.30 39.70
C ILE A 395 -33.68 -16.01 38.90
N GLN A 396 -34.73 -15.91 38.08
CA GLN A 396 -34.88 -14.80 37.16
C GLN A 396 -35.06 -13.47 37.88
N ALA A 397 -35.51 -13.51 39.14
CA ALA A 397 -35.72 -12.29 39.90
C ALA A 397 -34.44 -11.89 40.66
N GLN A 398 -33.46 -12.80 40.71
CA GLN A 398 -32.21 -12.56 41.43
C GLN A 398 -31.23 -11.74 40.60
N SER A 399 -30.41 -10.95 41.31
CA SER A 399 -29.33 -10.18 40.75
C SER A 399 -28.14 -11.07 40.43
N GLY A 400 -27.28 -10.58 39.55
CA GLY A 400 -26.04 -11.26 39.21
C GLY A 400 -25.37 -10.64 37.98
N TYR A 401 -24.25 -11.23 37.57
CA TYR A 401 -23.47 -10.73 36.46
C TYR A 401 -22.81 -11.90 35.73
N SER A 402 -22.27 -11.63 34.54
CA SER A 402 -21.65 -12.69 33.76
C SER A 402 -20.49 -12.14 32.94
N VAL A 403 -19.53 -13.03 32.66
CA VAL A 403 -18.36 -12.71 31.89
C VAL A 403 -18.22 -13.79 30.84
N THR A 404 -18.34 -13.37 29.58
CA THR A 404 -18.23 -14.30 28.46
C THR A 404 -16.79 -14.29 27.96
N VAL A 405 -16.16 -15.47 27.95
CA VAL A 405 -14.77 -15.61 27.58
C VAL A 405 -14.70 -16.07 26.13
N ILE A 406 -13.85 -15.39 25.33
CA ILE A 406 -13.66 -15.71 23.92
C ILE A 406 -12.18 -15.91 23.66
N LEU A 407 -11.85 -17.11 23.14
CA LEU A 407 -10.50 -17.40 22.68
C LEU A 407 -10.36 -16.69 21.32
N LEU A 408 -9.51 -15.66 21.28
CA LEU A 408 -9.51 -14.74 20.15
C LEU A 408 -8.80 -15.30 18.93
N GLN A 409 -7.80 -16.17 19.11
CA GLN A 409 -7.05 -16.66 17.96
C GLN A 409 -7.06 -18.19 17.94
N PRO A 410 -8.22 -18.82 17.65
CA PRO A 410 -8.28 -20.28 17.55
C PRO A 410 -7.42 -20.73 16.38
N LYS A 411 -6.74 -21.88 16.54
CA LYS A 411 -5.98 -22.44 15.45
C LYS A 411 -6.81 -23.41 14.59
N SER A 412 -7.94 -23.89 15.10
CA SER A 412 -8.81 -24.80 14.36
C SER A 412 -9.27 -24.17 13.04
N ARG A 413 -9.27 -24.99 11.98
CA ARG A 413 -9.74 -24.56 10.67
C ARG A 413 -10.66 -25.64 10.12
N GLY A 414 -11.75 -25.22 9.45
CA GLY A 414 -12.68 -26.16 8.86
C GLY A 414 -13.01 -25.82 7.40
N GLN A 415 -14.24 -26.20 7.01
CA GLN A 415 -14.60 -26.27 5.61
C GLN A 415 -16.04 -25.83 5.40
N LEU A 416 -16.24 -25.22 4.25
CA LEU A 416 -17.56 -24.95 3.72
C LEU A 416 -17.70 -25.74 2.41
N LEU A 417 -18.53 -26.78 2.44
CA LEU A 417 -18.66 -27.74 1.35
C LEU A 417 -20.04 -27.59 0.73
N LEU A 418 -20.14 -27.97 -0.56
CA LEU A 418 -21.44 -28.11 -1.22
C LEU A 418 -22.17 -29.34 -0.69
N ALA A 419 -23.50 -29.27 -0.57
CA ALA A 419 -24.30 -30.47 -0.31
C ALA A 419 -24.68 -31.13 -1.63
N SER A 420 -24.75 -30.33 -2.70
CA SER A 420 -25.35 -30.75 -3.96
C SER A 420 -25.09 -29.67 -5.01
N THR A 421 -25.56 -29.89 -6.24
CA THR A 421 -25.46 -28.87 -7.27
C THR A 421 -26.73 -28.03 -7.30
N ASN A 422 -27.66 -28.29 -6.39
CA ASN A 422 -28.89 -27.53 -6.35
C ASN A 422 -28.61 -26.17 -5.70
N PRO A 423 -28.83 -25.05 -6.42
CA PRO A 423 -28.46 -23.74 -5.91
C PRO A 423 -29.22 -23.31 -4.64
N TYR A 424 -30.31 -23.99 -4.31
CA TYR A 424 -31.12 -23.59 -3.16
C TYR A 424 -30.68 -24.32 -1.89
N ASP A 425 -29.92 -25.42 -2.02
CA ASP A 425 -29.53 -26.24 -0.90
C ASP A 425 -28.51 -25.50 -0.04
N ALA A 426 -28.72 -25.56 1.28
CA ALA A 426 -27.78 -24.94 2.19
C ALA A 426 -26.39 -25.55 2.01
N PRO A 427 -25.32 -24.77 2.18
CA PRO A 427 -23.96 -25.32 2.21
C PRO A 427 -23.76 -26.02 3.54
N LEU A 428 -22.76 -26.92 3.59
CA LEU A 428 -22.42 -27.69 4.78
C LEU A 428 -21.29 -26.97 5.51
N ILE A 429 -21.60 -26.46 6.69
CA ILE A 429 -20.72 -25.59 7.44
C ILE A 429 -20.05 -26.42 8.55
N ASN A 430 -18.72 -26.50 8.50
CA ASN A 430 -17.97 -27.31 9.46
C ASN A 430 -16.76 -26.53 9.95
N PRO A 431 -16.89 -25.71 11.02
CA PRO A 431 -15.74 -25.00 11.59
C PRO A 431 -14.69 -25.91 12.25
N ARG A 432 -15.03 -27.16 12.55
CA ARG A 432 -14.06 -28.08 13.18
C ARG A 432 -13.59 -27.48 14.49
N TYR A 433 -14.53 -26.98 15.29
CA TYR A 433 -14.21 -26.35 16.55
C TYR A 433 -13.46 -27.35 17.43
N PHE A 434 -12.39 -26.85 18.07
CA PHE A 434 -11.53 -27.63 18.97
C PHE A 434 -10.86 -28.82 18.26
N SER A 435 -10.66 -28.74 16.94
CA SER A 435 -9.95 -29.78 16.23
C SER A 435 -8.45 -29.62 16.46
N ASP A 436 -7.98 -28.36 16.56
CA ASP A 436 -6.64 -28.07 17.02
C ASP A 436 -6.62 -28.11 18.54
N SER A 437 -5.76 -28.98 19.08
CA SER A 437 -5.70 -29.29 20.52
C SER A 437 -5.31 -28.08 21.35
N SER A 438 -4.57 -27.12 20.78
CA SER A 438 -4.20 -25.94 21.53
C SER A 438 -5.40 -25.07 21.92
N ASP A 439 -6.52 -25.17 21.20
CA ASP A 439 -7.69 -24.33 21.46
C ASP A 439 -8.26 -24.63 22.85
N MET A 440 -8.57 -25.90 23.14
CA MET A 440 -9.09 -26.26 24.47
C MET A 440 -8.06 -26.00 25.58
N GLU A 441 -6.79 -26.30 25.33
CA GLU A 441 -5.71 -26.05 26.28
C GLU A 441 -5.75 -24.60 26.75
N ARG A 442 -5.78 -23.66 25.78
CA ARG A 442 -5.77 -22.24 26.09
C ARG A 442 -7.10 -21.80 26.70
N PHE A 443 -8.22 -22.31 26.19
CA PHE A 443 -9.54 -21.91 26.66
C PHE A 443 -9.70 -22.20 28.16
N ILE A 444 -9.24 -23.37 28.63
CA ILE A 444 -9.38 -23.70 30.04
C ILE A 444 -8.60 -22.69 30.88
N LYS A 445 -7.39 -22.35 30.44
CA LYS A 445 -6.57 -21.35 31.11
C LYS A 445 -7.24 -19.98 31.12
N GLY A 446 -7.91 -19.62 30.02
CA GLY A 446 -8.60 -18.35 29.95
C GLY A 446 -9.75 -18.23 30.96
N VAL A 447 -10.48 -19.33 31.15
CA VAL A 447 -11.56 -19.36 32.12
C VAL A 447 -11.00 -19.11 33.53
N ARG A 448 -9.91 -19.80 33.87
CA ARG A 448 -9.36 -19.70 35.21
C ARG A 448 -8.81 -18.31 35.43
N TYR A 449 -8.16 -17.73 34.40
CA TYR A 449 -7.66 -16.37 34.45
C TYR A 449 -8.78 -15.42 34.76
N THR A 450 -9.86 -15.51 33.96
CA THR A 450 -11.02 -14.65 34.10
C THR A 450 -11.63 -14.77 35.50
N GLN A 451 -11.67 -15.98 36.07
CA GLN A 451 -12.36 -16.20 37.35
C GLN A 451 -11.70 -15.41 38.50
N LYS A 452 -10.42 -15.03 38.34
CA LYS A 452 -9.76 -14.16 39.31
C LYS A 452 -10.56 -12.89 39.58
N ILE A 453 -11.43 -12.49 38.64
CA ILE A 453 -12.08 -11.21 38.78
C ILE A 453 -13.06 -11.27 39.95
N THR A 454 -13.55 -12.48 40.30
CA THR A 454 -14.53 -12.62 41.36
C THR A 454 -13.90 -12.29 42.72
N LYS A 455 -12.57 -12.25 42.80
CA LYS A 455 -11.86 -12.01 44.06
C LYS A 455 -11.68 -10.53 44.34
N THR A 456 -12.06 -9.64 43.40
CA THR A 456 -11.74 -8.24 43.53
C THR A 456 -12.68 -7.61 44.55
N GLU A 457 -12.26 -6.46 45.10
CA GLU A 457 -13.07 -5.77 46.09
C GLU A 457 -14.38 -5.35 45.45
N SER A 458 -14.35 -4.95 44.17
CA SER A 458 -15.57 -4.58 43.45
C SER A 458 -16.56 -5.73 43.35
N LEU A 459 -16.10 -6.94 42.97
CA LEU A 459 -17.01 -7.97 42.49
C LEU A 459 -17.23 -9.10 43.50
N GLU A 460 -16.31 -9.33 44.45
CA GLU A 460 -16.51 -10.33 45.49
C GLU A 460 -17.86 -10.14 46.21
N PRO A 461 -18.28 -8.91 46.60
CA PRO A 461 -19.62 -8.71 47.16
C PRO A 461 -20.81 -9.18 46.33
N TYR A 462 -20.63 -9.37 45.02
CA TYR A 462 -21.72 -9.75 44.13
C TYR A 462 -21.59 -11.20 43.65
N THR A 463 -20.64 -11.96 44.21
CA THR A 463 -20.34 -13.30 43.74
C THR A 463 -20.77 -14.32 44.81
N TYR A 464 -22.02 -14.75 44.77
CA TYR A 464 -22.51 -15.71 45.74
C TYR A 464 -22.35 -17.14 45.20
N LEU A 465 -22.95 -17.42 44.03
CA LEU A 465 -22.79 -18.71 43.38
C LEU A 465 -22.32 -18.50 41.94
N ALA A 466 -21.52 -19.47 41.44
CA ALA A 466 -20.88 -19.38 40.13
C ALA A 466 -21.15 -20.61 39.27
N HIS A 467 -21.25 -20.41 37.95
CA HIS A 467 -21.24 -21.48 36.96
C HIS A 467 -20.20 -21.14 35.90
N PRO A 468 -19.14 -21.98 35.70
CA PRO A 468 -18.82 -23.12 36.54
C PRO A 468 -18.47 -22.71 37.97
N ALA A 469 -18.48 -23.67 38.89
CA ALA A 469 -18.05 -23.41 40.26
C ALA A 469 -16.60 -22.99 40.26
N LEU A 470 -16.22 -22.13 41.21
CA LEU A 470 -14.88 -21.60 41.28
C LEU A 470 -13.87 -22.69 41.63
N ASP A 471 -14.35 -23.81 42.21
CA ASP A 471 -13.52 -24.94 42.60
C ASP A 471 -13.56 -26.07 41.58
N ALA A 472 -14.21 -25.86 40.42
CA ALA A 472 -14.38 -26.93 39.44
C ALA A 472 -13.03 -27.42 38.93
N THR A 473 -12.97 -28.73 38.64
CA THR A 473 -11.79 -29.36 38.11
C THR A 473 -11.65 -28.98 36.63
N ASP A 474 -10.46 -29.16 36.06
CA ASP A 474 -10.25 -29.00 34.63
C ASP A 474 -11.23 -29.86 33.82
N GLU A 475 -11.51 -31.08 34.29
CA GLU A 475 -12.39 -32.01 33.60
C GLU A 475 -13.82 -31.44 33.52
N ILE A 476 -14.29 -30.88 34.64
CA ILE A 476 -15.60 -30.26 34.67
C ILE A 476 -15.63 -29.03 33.76
N ILE A 477 -14.59 -28.17 33.83
CA ILE A 477 -14.56 -27.00 32.95
C ILE A 477 -14.58 -27.44 31.47
N GLU A 478 -13.72 -28.39 31.11
CA GLU A 478 -13.64 -28.86 29.74
C GLU A 478 -15.01 -29.34 29.26
N SER A 479 -15.68 -30.15 30.09
CA SER A 479 -16.97 -30.70 29.75
C SER A 479 -18.01 -29.60 29.50
N LEU A 480 -17.99 -28.56 30.36
CA LEU A 480 -18.91 -27.45 30.25
C LEU A 480 -18.64 -26.64 28.99
N ILE A 481 -17.37 -26.45 28.68
CA ILE A 481 -17.03 -25.74 27.46
C ILE A 481 -17.56 -26.54 26.26
N ARG A 482 -17.26 -27.84 26.20
CA ARG A 482 -17.68 -28.61 25.04
C ARG A 482 -19.19 -28.64 24.88
N ASN A 483 -19.93 -28.55 26.00
CA ASN A 483 -21.38 -28.63 25.96
C ASN A 483 -22.06 -27.28 25.80
N GLU A 484 -21.39 -26.19 26.16
CA GLU A 484 -22.07 -24.90 26.26
C GLU A 484 -21.42 -23.83 25.39
N ALA A 485 -20.15 -23.97 24.99
CA ALA A 485 -19.53 -22.94 24.17
C ALA A 485 -20.28 -22.86 22.84
N SER A 486 -20.30 -21.68 22.22
CA SER A 486 -21.07 -21.50 20.99
C SER A 486 -20.43 -20.41 20.15
N THR A 487 -20.84 -20.36 18.87
CA THR A 487 -20.29 -19.43 17.90
C THR A 487 -20.55 -18.01 18.38
N VAL A 488 -19.59 -17.13 18.12
CA VAL A 488 -19.79 -15.71 18.32
C VAL A 488 -20.15 -15.04 17.01
N PHE A 489 -20.47 -15.86 15.96
CA PHE A 489 -21.05 -15.35 14.73
C PHE A 489 -20.00 -14.58 13.93
N HIS A 490 -18.74 -15.05 13.93
CA HIS A 490 -17.67 -14.38 13.21
C HIS A 490 -17.03 -15.27 12.15
N PRO A 491 -17.78 -15.98 11.29
CA PRO A 491 -17.13 -16.86 10.31
C PRO A 491 -16.36 -16.05 9.27
N VAL A 492 -15.17 -16.50 8.93
CA VAL A 492 -14.30 -15.82 7.95
C VAL A 492 -13.53 -16.89 7.20
N GLY A 493 -12.90 -16.49 6.10
CA GLY A 493 -11.70 -17.19 5.61
C GLY A 493 -11.86 -18.15 4.44
N THR A 494 -13.08 -18.32 3.91
CA THR A 494 -13.41 -19.33 2.92
C THR A 494 -13.08 -18.91 1.48
N ALA A 495 -12.63 -17.66 1.28
CA ALA A 495 -12.01 -17.23 0.02
C ALA A 495 -10.82 -16.35 0.34
N ARG A 496 -9.84 -16.95 1.05
CA ARG A 496 -8.77 -16.23 1.69
C ARG A 496 -7.95 -15.39 0.70
N MET A 497 -7.71 -14.14 1.07
CA MET A 497 -6.81 -13.26 0.37
C MET A 497 -5.38 -13.54 0.79
N GLY A 498 -4.51 -13.71 -0.20
CA GLY A 498 -3.09 -13.88 0.07
C GLY A 498 -2.29 -13.80 -1.23
N ASP A 499 -1.13 -14.47 -1.21
CA ASP A 499 -0.20 -14.41 -2.33
C ASP A 499 -0.53 -15.60 -3.24
N VAL A 500 -1.27 -15.36 -4.30
CA VAL A 500 -1.75 -16.45 -5.15
C VAL A 500 -0.63 -16.94 -6.07
N GLU A 501 0.54 -16.26 -6.10
CA GLU A 501 1.66 -16.76 -6.88
C GLU A 501 2.36 -17.88 -6.13
N ASN A 502 2.48 -17.75 -4.80
CA ASN A 502 3.36 -18.60 -4.03
C ASN A 502 2.59 -19.46 -3.02
N ASP A 503 1.30 -19.17 -2.79
CA ASP A 503 0.52 -19.91 -1.80
C ASP A 503 -0.61 -20.64 -2.53
N SER A 504 -0.54 -21.98 -2.63
CA SER A 504 -1.53 -22.75 -3.35
C SER A 504 -2.96 -22.64 -2.77
N LEU A 505 -3.10 -22.27 -1.49
CA LEU A 505 -4.40 -22.25 -0.83
C LEU A 505 -5.00 -20.83 -0.77
N ALA A 506 -4.28 -19.82 -1.28
CA ALA A 506 -4.87 -18.49 -1.37
C ALA A 506 -5.86 -18.49 -2.52
N VAL A 507 -6.94 -17.74 -2.32
CA VAL A 507 -8.05 -17.77 -3.28
C VAL A 507 -8.03 -16.47 -4.08
N VAL A 508 -7.92 -15.34 -3.39
CA VAL A 508 -7.87 -14.06 -4.06
C VAL A 508 -6.55 -13.37 -3.74
N ASP A 509 -6.13 -12.46 -4.64
CA ASP A 509 -4.87 -11.75 -4.46
C ASP A 509 -5.14 -10.48 -3.67
N SER A 510 -4.11 -9.64 -3.58
CA SER A 510 -4.11 -8.35 -2.91
C SER A 510 -5.11 -7.37 -3.51
N SER A 511 -5.47 -7.60 -4.78
CA SER A 511 -6.50 -6.81 -5.46
C SER A 511 -7.90 -7.43 -5.38
N LEU A 512 -8.03 -8.55 -4.65
CA LEU A 512 -9.30 -9.22 -4.41
C LEU A 512 -9.74 -10.01 -5.64
N LYS A 513 -8.85 -10.18 -6.63
CA LYS A 513 -9.15 -10.94 -7.82
C LYS A 513 -8.99 -12.43 -7.57
N VAL A 514 -9.97 -13.18 -8.03
CA VAL A 514 -9.98 -14.63 -7.91
C VAL A 514 -8.96 -15.20 -8.89
N ARG A 515 -8.12 -16.04 -8.32
CA ARG A 515 -7.11 -16.77 -9.07
C ARG A 515 -7.71 -17.63 -10.17
N GLY A 516 -7.05 -17.65 -11.32
CA GLY A 516 -7.43 -18.52 -12.43
C GLY A 516 -8.53 -17.90 -13.30
N ILE A 517 -8.98 -16.70 -12.93
CA ILE A 517 -10.18 -16.11 -13.49
C ILE A 517 -9.89 -14.65 -13.78
N GLN A 518 -10.53 -14.12 -14.82
CA GLN A 518 -10.49 -12.67 -15.06
C GLN A 518 -11.87 -12.07 -14.81
N GLY A 519 -11.91 -10.86 -14.26
CA GLY A 519 -13.11 -10.06 -14.09
C GLY A 519 -14.00 -10.51 -12.91
N LEU A 520 -13.42 -11.23 -11.95
CA LEU A 520 -14.16 -11.69 -10.78
C LEU A 520 -13.39 -11.36 -9.49
N ARG A 521 -14.01 -10.59 -8.59
CA ARG A 521 -13.42 -10.29 -7.30
C ARG A 521 -14.34 -10.75 -6.15
N VAL A 522 -13.77 -10.91 -4.95
CA VAL A 522 -14.52 -11.19 -3.74
C VAL A 522 -14.22 -10.12 -2.72
N ALA A 523 -15.27 -9.58 -2.11
CA ALA A 523 -15.11 -8.58 -1.07
C ALA A 523 -16.19 -8.72 -0.02
N ASP A 524 -15.82 -9.39 1.08
CA ASP A 524 -16.67 -9.71 2.22
C ASP A 524 -15.81 -10.45 3.26
N ALA A 525 -16.43 -11.04 4.28
CA ALA A 525 -15.69 -11.67 5.37
C ALA A 525 -14.92 -12.89 4.86
N SER A 526 -15.32 -13.45 3.72
CA SER A 526 -14.69 -14.66 3.24
C SER A 526 -13.21 -14.45 2.94
N ILE A 527 -12.79 -13.21 2.58
CA ILE A 527 -11.41 -12.96 2.20
C ILE A 527 -10.52 -12.77 3.44
N ILE A 528 -11.12 -12.51 4.60
CA ILE A 528 -10.38 -12.25 5.83
C ILE A 528 -9.67 -13.53 6.24
N PRO A 529 -8.33 -13.55 6.37
CA PRO A 529 -7.58 -14.80 6.62
C PRO A 529 -7.90 -15.48 7.95
N ALA A 530 -8.11 -14.66 8.99
CA ALA A 530 -8.32 -15.17 10.33
C ALA A 530 -9.14 -14.16 11.13
N VAL A 531 -9.88 -14.69 12.09
CA VAL A 531 -10.71 -13.86 12.94
C VAL A 531 -9.82 -12.84 13.65
N ASN A 532 -10.41 -11.68 13.99
CA ASN A 532 -9.66 -10.61 14.64
C ASN A 532 -9.74 -10.77 16.17
N ARG A 533 -9.05 -9.87 16.89
CA ARG A 533 -9.20 -9.71 18.33
C ARG A 533 -10.35 -8.73 18.56
N GLY A 534 -11.54 -9.22 18.29
CA GLY A 534 -12.72 -8.39 18.19
C GLY A 534 -13.82 -9.11 17.42
N HIS A 535 -14.65 -8.30 16.76
CA HIS A 535 -15.84 -8.74 16.09
C HIS A 535 -15.75 -8.30 14.64
N THR A 536 -16.38 -9.04 13.72
CA THR A 536 -15.99 -8.98 12.31
C THR A 536 -16.72 -7.92 11.47
N MET A 537 -17.73 -7.22 11.98
CA MET A 537 -18.42 -6.21 11.19
C MET A 537 -17.47 -5.09 10.74
N ALA A 538 -16.63 -4.63 11.67
CA ALA A 538 -15.76 -3.49 11.41
C ALA A 538 -14.70 -3.81 10.34
N PRO A 539 -13.90 -4.90 10.47
CA PRO A 539 -12.99 -5.27 9.38
C PRO A 539 -13.71 -5.53 8.05
N VAL A 540 -14.97 -5.98 8.08
CA VAL A 540 -15.71 -6.20 6.83
C VAL A 540 -16.01 -4.87 6.12
N VAL A 541 -16.39 -3.83 6.86
CA VAL A 541 -16.58 -2.49 6.29
C VAL A 541 -15.26 -1.99 5.74
N TYR A 542 -14.15 -2.21 6.48
CA TYR A 542 -12.82 -1.92 5.97
C TYR A 542 -12.58 -2.59 4.63
N VAL A 543 -12.93 -3.88 4.51
CA VAL A 543 -12.77 -4.59 3.24
C VAL A 543 -13.57 -3.87 2.15
N GLY A 544 -14.78 -3.40 2.44
CA GLY A 544 -15.59 -2.73 1.43
C GLY A 544 -14.94 -1.42 0.95
N GLU A 545 -14.40 -0.63 1.89
CA GLU A 545 -13.73 0.62 1.54
C GLU A 545 -12.45 0.33 0.75
N MET A 546 -11.72 -0.72 1.15
CA MET A 546 -10.50 -1.10 0.47
C MET A 546 -10.79 -1.58 -0.94
N ALA A 547 -11.80 -2.45 -1.11
CA ALA A 547 -12.17 -2.97 -2.42
C ALA A 547 -12.52 -1.81 -3.36
N SER A 548 -13.26 -0.84 -2.84
CA SER A 548 -13.71 0.29 -3.62
C SER A 548 -12.51 1.07 -4.18
N GLU A 549 -11.55 1.38 -3.29
CA GLU A 549 -10.35 2.12 -3.68
C GLU A 549 -9.52 1.34 -4.69
N ILE A 550 -9.36 0.03 -4.46
CA ILE A 550 -8.61 -0.81 -5.35
C ILE A 550 -9.25 -0.82 -6.75
N ILE A 551 -10.56 -1.01 -6.80
CA ILE A 551 -11.23 -1.12 -8.09
C ILE A 551 -11.15 0.22 -8.82
N ILE A 552 -11.42 1.32 -8.12
CA ILE A 552 -11.46 2.62 -8.75
C ILE A 552 -10.09 2.94 -9.34
N ASN A 553 -9.00 2.52 -8.67
CA ASN A 553 -7.64 2.80 -9.08
C ASN A 553 -7.16 1.88 -10.20
N ASP A 554 -7.90 0.81 -10.48
CA ASP A 554 -7.67 0.02 -11.69
C ASP A 554 -8.21 0.74 -12.92
N ASN A 555 -9.39 1.39 -12.76
CA ASN A 555 -10.15 1.95 -13.87
C ASN A 555 -9.87 3.46 -13.96
N LYS B 22 31.57 0.30 19.57
CA LYS B 22 30.29 0.80 19.00
C LYS B 22 29.77 -0.21 17.97
N LYS B 23 28.52 -0.68 18.17
CA LYS B 23 28.00 -1.86 17.50
C LYS B 23 26.81 -1.51 16.62
N PHE B 24 26.85 -1.89 15.34
CA PHE B 24 25.87 -1.42 14.38
C PHE B 24 24.88 -2.53 14.03
N ASP B 25 23.61 -2.12 13.90
CA ASP B 25 22.55 -2.95 13.38
C ASP B 25 22.60 -3.01 11.85
N PHE B 26 22.87 -1.85 11.25
CA PHE B 26 22.84 -1.68 9.80
C PHE B 26 24.09 -0.93 9.34
N ILE B 27 24.63 -1.35 8.20
CA ILE B 27 25.65 -0.58 7.50
C ILE B 27 25.08 -0.24 6.13
N ILE B 28 25.07 1.06 5.81
CA ILE B 28 24.62 1.55 4.52
C ILE B 28 25.85 2.00 3.73
N VAL B 29 26.00 1.47 2.53
CA VAL B 29 27.12 1.83 1.65
C VAL B 29 26.64 2.85 0.64
N GLY B 30 27.13 4.10 0.78
CA GLY B 30 26.88 5.19 -0.15
C GLY B 30 25.92 6.21 0.45
N ALA B 31 26.43 7.40 0.76
CA ALA B 31 25.62 8.50 1.25
C ALA B 31 25.26 9.41 0.08
N GLY B 32 24.60 8.82 -0.91
CA GLY B 32 24.29 9.54 -2.14
C GLY B 32 22.91 10.17 -2.08
N THR B 33 22.00 9.64 -2.90
CA THR B 33 20.64 10.14 -2.95
C THR B 33 19.74 9.30 -2.04
N ALA B 34 19.68 7.98 -2.27
CA ALA B 34 18.87 7.10 -1.46
C ALA B 34 19.47 6.82 -0.07
N GLY B 35 20.78 6.54 -0.03
CA GLY B 35 21.39 6.05 1.21
C GLY B 35 21.07 6.98 2.40
N PRO B 36 21.26 8.30 2.24
CA PRO B 36 20.97 9.25 3.32
C PRO B 36 19.55 9.27 3.88
N VAL B 37 18.56 9.00 3.01
CA VAL B 37 17.18 8.89 3.40
C VAL B 37 17.04 7.74 4.38
N ILE B 38 17.67 6.61 4.06
CA ILE B 38 17.54 5.39 4.83
C ILE B 38 18.24 5.55 6.18
N ALA B 39 19.42 6.16 6.17
CA ALA B 39 20.14 6.42 7.42
C ALA B 39 19.32 7.31 8.35
N SER B 40 18.64 8.31 7.79
CA SER B 40 17.82 9.26 8.53
C SER B 40 16.61 8.58 9.15
N ARG B 41 15.91 7.75 8.35
CA ARG B 41 14.68 7.11 8.76
C ARG B 41 14.97 6.00 9.77
N LEU B 42 16.02 5.20 9.54
CA LEU B 42 16.23 4.07 10.41
C LEU B 42 16.70 4.52 11.81
N THR B 43 17.31 5.70 11.93
CA THR B 43 17.85 6.12 13.23
C THR B 43 16.81 6.92 14.01
N GLU B 44 15.59 7.05 13.45
CA GLU B 44 14.46 7.58 14.21
C GLU B 44 14.14 6.69 15.42
N LYS B 45 14.42 5.39 15.34
CA LYS B 45 14.32 4.52 16.50
C LYS B 45 15.65 4.51 17.23
N GLU B 46 15.63 4.87 18.52
CA GLU B 46 16.82 5.19 19.28
C GLU B 46 17.78 4.02 19.42
N HIS B 47 17.23 2.80 19.45
CA HIS B 47 17.99 1.59 19.74
C HIS B 47 18.69 1.04 18.48
N ILE B 48 18.37 1.61 17.30
CA ILE B 48 18.87 1.07 16.03
C ILE B 48 20.08 1.90 15.61
N ASN B 49 21.26 1.26 15.66
CA ASN B 49 22.52 1.92 15.36
C ASN B 49 22.81 1.74 13.87
N VAL B 50 23.09 2.83 13.16
CA VAL B 50 23.38 2.76 11.73
C VAL B 50 24.75 3.37 11.46
N LEU B 51 25.55 2.63 10.69
CA LEU B 51 26.77 3.16 10.08
C LEU B 51 26.51 3.49 8.61
N LEU B 52 26.79 4.74 8.22
CA LEU B 52 26.68 5.22 6.84
C LEU B 52 28.08 5.52 6.31
N LEU B 53 28.50 4.78 5.26
CA LEU B 53 29.82 4.94 4.67
C LEU B 53 29.73 5.66 3.33
N GLU B 54 30.70 6.56 3.09
CA GLU B 54 30.77 7.36 1.89
C GLU B 54 32.22 7.48 1.42
N ALA B 55 32.47 7.20 0.12
CA ALA B 55 33.81 7.30 -0.44
C ALA B 55 34.30 8.74 -0.52
N GLY B 56 33.39 9.68 -0.84
CA GLY B 56 33.73 11.09 -0.95
C GLY B 56 33.70 11.77 0.42
N GLY B 57 33.90 13.09 0.41
CA GLY B 57 33.84 13.90 1.61
C GLY B 57 32.44 14.52 1.76
N GLU B 58 32.33 15.41 2.74
CA GLU B 58 31.14 16.21 2.95
C GLU B 58 31.01 17.18 1.80
N ASN B 59 29.78 17.65 1.59
CA ASN B 59 29.48 18.59 0.51
C ASN B 59 29.83 20.01 0.96
N THR B 60 31.11 20.37 0.77
CA THR B 60 31.65 21.64 1.23
C THR B 60 32.12 22.53 0.10
N ASN B 61 32.11 22.04 -1.16
CA ASN B 61 32.53 22.86 -2.29
C ASN B 61 31.34 23.69 -2.78
N GLU B 62 31.29 24.98 -2.43
CA GLU B 62 30.09 25.77 -2.65
C GLU B 62 29.81 25.95 -4.15
N LEU B 63 30.82 25.80 -5.00
CA LEU B 63 30.64 25.95 -6.44
C LEU B 63 29.62 24.91 -6.93
N SER B 64 29.62 23.74 -6.30
CA SER B 64 28.71 22.66 -6.65
C SER B 64 27.24 23.02 -6.37
N ARG B 65 27.01 24.08 -5.57
CA ARG B 65 25.65 24.43 -5.16
C ARG B 65 25.07 25.57 -6.00
N ILE B 66 25.82 26.08 -6.97
CA ILE B 66 25.37 27.22 -7.75
C ILE B 66 24.57 26.74 -8.95
N PRO B 67 23.28 27.14 -9.10
CA PRO B 67 22.43 26.58 -10.14
C PRO B 67 22.93 26.70 -11.57
N GLY B 68 23.57 27.84 -11.87
CA GLY B 68 24.05 28.12 -13.21
C GLY B 68 25.51 27.77 -13.43
N ALA B 69 26.25 27.33 -12.38
CA ALA B 69 27.69 27.08 -12.54
C ALA B 69 28.14 25.73 -11.96
N PHE B 70 27.24 24.95 -11.35
CA PHE B 70 27.62 23.75 -10.63
C PHE B 70 28.48 22.83 -11.51
N PHE B 71 28.19 22.79 -12.82
CA PHE B 71 28.77 21.79 -13.71
C PHE B 71 30.28 21.98 -13.85
N LYS B 72 30.80 23.10 -13.34
CA LYS B 72 32.24 23.29 -13.26
C LYS B 72 32.91 22.32 -12.28
N VAL B 73 32.16 21.61 -11.43
CA VAL B 73 32.79 20.64 -10.56
C VAL B 73 32.82 19.25 -11.21
N LEU B 74 32.20 19.09 -12.37
CA LEU B 74 32.34 17.83 -13.10
C LEU B 74 33.81 17.65 -13.45
N GLY B 75 34.29 16.43 -13.33
CA GLY B 75 35.67 16.12 -13.63
C GLY B 75 36.60 16.37 -12.45
N THR B 76 36.08 16.84 -11.32
CA THR B 76 36.88 17.09 -10.13
C THR B 76 36.71 15.92 -9.17
N ASP B 77 37.16 16.10 -7.91
CA ASP B 77 37.09 15.05 -6.90
C ASP B 77 35.66 14.78 -6.46
N TYR B 78 34.71 15.65 -6.86
CA TYR B 78 33.29 15.41 -6.65
C TYR B 78 32.69 14.36 -7.60
N ASP B 79 33.51 13.75 -8.48
CA ASP B 79 33.02 12.98 -9.63
C ASP B 79 33.83 11.71 -9.76
N TRP B 80 33.16 10.55 -10.00
CA TRP B 80 33.85 9.29 -10.28
C TRP B 80 34.51 9.30 -11.68
N THR B 81 34.05 10.20 -12.58
CA THR B 81 34.62 10.49 -13.89
C THR B 81 34.64 9.26 -14.79
N TYR B 82 33.65 8.38 -14.70
CA TYR B 82 33.56 7.24 -15.60
C TYR B 82 33.10 7.70 -16.99
N SER B 83 33.48 6.94 -18.02
CA SER B 83 32.88 7.04 -19.35
C SER B 83 32.38 5.66 -19.78
N SER B 84 31.44 5.61 -20.72
CA SER B 84 31.05 4.35 -21.31
C SER B 84 32.17 3.77 -22.17
N VAL B 85 32.06 2.48 -22.43
CA VAL B 85 32.80 1.86 -23.51
C VAL B 85 32.34 2.52 -24.81
N GLU B 86 33.16 2.41 -25.84
CA GLU B 86 32.79 2.95 -27.15
C GLU B 86 31.42 2.41 -27.58
N GLN B 87 30.52 3.29 -28.02
CA GLN B 87 29.16 2.91 -28.35
C GLN B 87 28.97 2.82 -29.85
N THR B 88 28.75 1.60 -30.38
CA THR B 88 28.70 1.43 -31.84
C THR B 88 27.54 2.20 -32.45
N GLY B 89 26.45 2.37 -31.67
CA GLY B 89 25.28 3.07 -32.19
C GLY B 89 25.45 4.59 -32.15
N LEU B 90 26.46 5.07 -31.41
CA LEU B 90 26.80 6.48 -31.35
C LEU B 90 28.16 6.75 -32.02
N ASN B 91 28.45 6.07 -33.14
CA ASN B 91 29.65 6.35 -33.91
C ASN B 91 30.91 6.08 -33.09
N ASN B 92 30.85 5.06 -32.25
CA ASN B 92 31.97 4.64 -31.42
C ASN B 92 32.41 5.71 -30.42
N ARG B 93 31.54 6.67 -30.12
CA ARG B 93 31.84 7.62 -29.06
C ARG B 93 31.82 6.93 -27.69
N SER B 94 32.74 7.36 -26.83
CA SER B 94 32.76 6.95 -25.44
C SER B 94 32.01 8.03 -24.65
N ILE B 95 30.88 7.69 -24.01
CA ILE B 95 30.00 8.71 -23.45
C ILE B 95 30.38 8.98 -22.00
N TYR B 96 30.76 10.25 -21.74
CA TYR B 96 31.09 10.71 -20.39
C TYR B 96 29.87 10.49 -19.50
N SER B 97 30.09 9.74 -18.43
CA SER B 97 29.03 9.18 -17.60
C SER B 97 29.31 9.51 -16.13
N PRO B 98 29.27 10.79 -15.74
CA PRO B 98 29.65 11.19 -14.39
C PRO B 98 28.67 10.67 -13.36
N SER B 99 29.14 10.63 -12.11
CA SER B 99 28.34 10.29 -10.96
C SER B 99 29.02 10.91 -9.74
N GLY B 100 28.22 11.28 -8.75
CA GLY B 100 28.69 12.07 -7.63
C GLY B 100 29.53 11.26 -6.65
N LYS B 101 30.57 11.90 -6.11
CA LYS B 101 31.43 11.29 -5.10
C LYS B 101 31.59 12.28 -3.96
N VAL B 102 30.60 12.28 -3.10
CA VAL B 102 30.40 13.32 -2.09
C VAL B 102 29.13 12.89 -1.37
N VAL B 103 28.99 13.30 -0.10
CA VAL B 103 27.70 13.24 0.54
C VAL B 103 26.68 13.99 -0.32
N GLY B 104 25.67 13.26 -0.80
CA GLY B 104 24.73 13.80 -1.77
C GLY B 104 24.82 13.03 -3.10
N GLY B 105 25.93 12.33 -3.31
CA GLY B 105 26.11 11.62 -4.56
C GLY B 105 25.79 12.50 -5.76
N SER B 106 25.06 11.93 -6.71
CA SER B 106 24.82 12.62 -7.97
C SER B 106 23.87 13.78 -7.76
N SER B 107 23.08 13.77 -6.67
CA SER B 107 22.23 14.92 -6.39
C SER B 107 23.07 16.17 -6.04
N ALA B 108 24.37 15.98 -5.75
CA ALA B 108 25.26 17.09 -5.42
C ALA B 108 25.90 17.70 -6.65
N ILE B 109 25.75 17.06 -7.83
CA ILE B 109 26.44 17.52 -9.03
C ILE B 109 25.50 17.58 -10.23
N ASN B 110 24.18 17.56 -10.01
CA ASN B 110 23.22 17.54 -11.10
C ASN B 110 22.61 18.91 -11.31
N VAL B 111 21.79 19.06 -12.37
CA VAL B 111 21.09 20.30 -12.61
C VAL B 111 20.16 20.56 -11.43
N GLY B 112 19.44 19.50 -11.01
CA GLY B 112 18.66 19.45 -9.79
C GLY B 112 17.16 19.47 -10.07
N VAL B 113 16.76 19.15 -11.31
CA VAL B 113 15.36 19.17 -11.70
C VAL B 113 14.64 18.00 -11.05
N TRP B 114 13.43 18.29 -10.56
CA TRP B 114 12.60 17.29 -9.88
C TRP B 114 11.44 16.98 -10.80
N VAL B 115 11.61 15.91 -11.58
CA VAL B 115 10.68 15.56 -12.64
C VAL B 115 10.41 14.07 -12.48
N ARG B 116 9.37 13.79 -11.69
CA ARG B 116 9.29 12.48 -11.04
C ARG B 116 8.70 11.40 -11.95
N GLY B 117 8.07 11.78 -13.06
CA GLY B 117 7.43 10.79 -13.92
C GLY B 117 5.92 10.75 -13.68
N THR B 118 5.30 9.62 -14.06
CA THR B 118 3.86 9.50 -14.19
C THR B 118 3.35 8.25 -13.45
N LYS B 119 2.01 8.19 -13.34
CA LYS B 119 1.33 7.05 -12.75
C LYS B 119 1.77 5.73 -13.37
N GLU B 120 1.81 5.67 -14.70
CA GLU B 120 2.19 4.43 -15.37
C GLU B 120 3.61 4.01 -14.98
N ASP B 121 4.51 4.98 -14.79
CA ASP B 121 5.88 4.66 -14.38
C ASP B 121 5.86 3.86 -13.08
N TYR B 122 5.21 4.41 -12.05
CA TYR B 122 5.25 3.81 -10.73
C TYR B 122 4.48 2.48 -10.74
N ASP B 123 3.33 2.45 -11.42
CA ASP B 123 2.54 1.24 -11.53
C ASP B 123 3.29 0.12 -12.24
N SER B 124 4.14 0.46 -13.23
CA SER B 124 4.85 -0.55 -13.98
C SER B 124 5.75 -1.42 -13.11
N TRP B 125 6.26 -0.91 -11.98
CA TRP B 125 7.20 -1.69 -11.19
C TRP B 125 6.46 -2.89 -10.62
N GLU B 126 5.23 -2.68 -10.19
CA GLU B 126 4.42 -3.76 -9.66
C GLU B 126 4.05 -4.71 -10.78
N ALA B 127 3.69 -4.17 -11.94
CA ALA B 127 3.30 -5.00 -13.08
C ALA B 127 4.43 -5.94 -13.49
N GLN B 128 5.68 -5.52 -13.25
CA GLN B 128 6.88 -6.26 -13.61
C GLN B 128 7.33 -7.20 -12.47
N GLY B 129 6.57 -7.28 -11.37
CA GLY B 129 6.81 -8.29 -10.35
C GLY B 129 7.21 -7.73 -8.99
N ALA B 130 7.12 -6.41 -8.79
CA ALA B 130 7.48 -5.81 -7.52
C ALA B 130 6.22 -5.43 -6.74
N LYS B 131 5.66 -6.40 -6.04
CA LYS B 131 4.38 -6.21 -5.36
C LYS B 131 4.53 -5.09 -4.32
N GLY B 132 3.62 -4.11 -4.35
CA GLY B 132 3.60 -3.08 -3.32
C GLY B 132 4.21 -1.77 -3.80
N TRP B 133 4.84 -1.80 -5.00
CA TRP B 133 5.49 -0.63 -5.57
C TRP B 133 4.64 -0.11 -6.72
N ASN B 134 3.86 0.94 -6.46
CA ASN B 134 2.84 1.42 -7.39
C ASN B 134 2.63 2.90 -7.15
N PHE B 135 1.78 3.52 -7.98
CA PHE B 135 1.62 4.97 -7.92
C PHE B 135 1.00 5.41 -6.60
N SER B 136 0.12 4.60 -6.04
CA SER B 136 -0.54 4.95 -4.80
C SER B 136 0.49 5.09 -3.66
N LYS B 137 1.42 4.14 -3.59
CA LYS B 137 2.52 4.23 -2.64
C LYS B 137 3.41 5.43 -2.97
N ALA B 138 3.67 5.68 -4.26
CA ALA B 138 4.49 6.82 -4.65
C ALA B 138 3.90 8.13 -4.12
N LEU B 139 2.60 8.34 -4.35
CA LEU B 139 1.91 9.54 -3.88
C LEU B 139 2.06 9.70 -2.37
N GLU B 140 1.88 8.60 -1.62
CA GLU B 140 2.06 8.62 -0.17
C GLU B 140 3.46 9.09 0.20
N MET B 141 4.49 8.55 -0.48
CA MET B 141 5.86 8.93 -0.20
C MET B 141 6.12 10.38 -0.62
N PHE B 142 5.55 10.85 -1.74
CA PHE B 142 5.86 12.20 -2.20
C PHE B 142 5.27 13.25 -1.24
N GLN B 143 4.29 12.88 -0.40
CA GLN B 143 3.79 13.78 0.63
C GLN B 143 4.89 14.03 1.64
N LYS B 144 5.61 12.95 1.99
CA LYS B 144 6.72 13.00 2.94
C LYS B 144 7.97 13.65 2.35
N ILE B 145 8.18 13.49 1.03
CA ILE B 145 9.40 13.93 0.37
C ILE B 145 9.32 15.40 -0.06
N GLU B 146 8.26 15.76 -0.77
CA GLU B 146 8.19 17.07 -1.43
C GLU B 146 7.77 18.19 -0.49
N GLN B 147 8.42 19.34 -0.67
CA GLN B 147 8.02 20.59 -0.07
C GLN B 147 7.95 21.63 -1.18
N THR B 148 6.78 21.68 -1.84
CA THR B 148 6.58 22.56 -2.97
C THR B 148 5.32 23.41 -2.77
N ASN B 149 5.32 24.60 -3.37
CA ASN B 149 4.14 25.45 -3.40
C ASN B 149 3.13 24.93 -4.41
N LEU B 150 3.45 23.85 -5.14
CA LEU B 150 2.42 23.12 -5.88
C LEU B 150 1.50 22.34 -4.96
N GLY B 151 1.92 22.17 -3.69
CA GLY B 151 1.09 21.52 -2.69
C GLY B 151 0.56 22.56 -1.69
N PRO B 152 -0.26 22.18 -0.69
CA PRO B 152 -0.71 20.79 -0.49
C PRO B 152 -1.76 20.35 -1.50
N SER B 153 -1.69 19.07 -1.91
CA SER B 153 -2.69 18.47 -2.79
C SER B 153 -2.52 16.95 -2.78
N LYS B 154 -3.40 16.27 -3.52
CA LYS B 154 -3.29 14.84 -3.77
C LYS B 154 -1.94 14.52 -4.44
N TYR B 155 -1.40 15.47 -5.23
CA TYR B 155 -0.25 15.20 -6.08
C TYR B 155 1.07 15.61 -5.40
N HIS B 156 1.04 16.58 -4.47
CA HIS B 156 2.25 17.22 -4.01
C HIS B 156 2.19 17.51 -2.51
N GLY B 157 3.30 17.21 -1.82
CA GLY B 157 3.55 17.67 -0.47
C GLY B 157 3.95 19.14 -0.39
N ASP B 158 3.52 19.78 0.70
CA ASP B 158 3.92 21.15 1.01
C ASP B 158 4.88 21.19 2.18
N LYS B 159 5.02 20.08 2.92
CA LYS B 159 5.77 20.11 4.16
C LYS B 159 6.78 18.98 4.25
N GLY B 160 7.14 18.39 3.11
CA GLY B 160 8.08 17.28 3.12
C GLY B 160 9.51 17.74 3.33
N LYS B 161 10.48 16.80 3.18
CA LYS B 161 11.87 17.07 3.53
C LYS B 161 12.58 17.90 2.47
N VAL B 162 12.21 17.73 1.19
CA VAL B 162 12.99 18.30 0.10
C VAL B 162 12.27 19.51 -0.50
N LYS B 163 12.85 20.68 -0.28
CA LYS B 163 12.34 21.93 -0.80
C LYS B 163 12.56 22.00 -2.30
N LEU B 164 11.48 22.36 -3.02
CA LEU B 164 11.47 22.45 -4.46
C LEU B 164 11.02 23.86 -4.85
N THR B 165 11.79 24.52 -5.73
CA THR B 165 11.50 25.87 -6.19
C THR B 165 11.57 25.90 -7.71
N ASP B 166 10.74 26.75 -8.31
CA ASP B 166 10.75 26.98 -9.74
C ASP B 166 12.14 27.43 -10.20
N SER B 167 12.57 26.94 -11.38
CA SER B 167 13.81 27.39 -12.00
C SER B 167 13.77 28.91 -12.12
N SER B 168 14.89 29.57 -11.82
CA SER B 168 14.97 31.00 -12.01
C SER B 168 15.40 31.27 -13.44
N TYR B 169 14.86 32.33 -14.04
CA TYR B 169 15.21 32.67 -15.42
C TYR B 169 15.09 34.18 -15.64
N PRO B 170 15.91 34.79 -16.52
CA PRO B 170 15.94 36.24 -16.69
C PRO B 170 15.05 36.85 -17.76
N THR B 171 14.38 36.02 -18.55
CA THR B 171 13.76 36.49 -19.78
C THR B 171 12.28 36.13 -19.80
N PRO B 172 11.39 37.07 -20.21
CA PRO B 172 9.98 36.77 -20.38
C PRO B 172 9.71 35.83 -21.55
N PHE B 173 10.72 35.58 -22.39
CA PHE B 173 10.59 34.66 -23.52
C PHE B 173 10.17 33.26 -23.07
N VAL B 174 10.33 32.90 -21.79
CA VAL B 174 9.89 31.59 -21.32
C VAL B 174 8.39 31.44 -21.58
N HIS B 175 7.62 32.53 -21.46
CA HIS B 175 6.19 32.49 -21.75
C HIS B 175 5.91 32.11 -23.22
N THR B 176 6.72 32.65 -24.14
CA THR B 176 6.60 32.38 -25.56
C THR B 176 6.82 30.90 -25.85
N LEU B 177 7.74 30.25 -25.11
CA LEU B 177 8.02 28.83 -25.29
C LEU B 177 6.81 28.00 -24.83
N LEU B 178 6.27 28.36 -23.67
CA LEU B 178 5.13 27.64 -23.12
C LEU B 178 3.96 27.76 -24.10
N ASN B 179 3.71 28.97 -24.63
CA ASN B 179 2.62 29.20 -25.57
C ASN B 179 2.85 28.43 -26.86
N GLY B 180 4.09 28.40 -27.33
CA GLY B 180 4.45 27.64 -28.53
C GLY B 180 4.10 26.17 -28.43
N PHE B 181 4.39 25.54 -27.28
CA PHE B 181 4.06 24.14 -27.04
C PHE B 181 2.54 23.95 -27.13
N LYS B 182 1.77 24.84 -26.48
CA LYS B 182 0.32 24.73 -26.53
C LYS B 182 -0.16 24.91 -27.96
N GLU B 183 0.31 25.97 -28.63
CA GLU B 183 -0.14 26.29 -29.98
C GLU B 183 0.17 25.16 -30.94
N ALA B 184 1.23 24.38 -30.68
CA ALA B 184 1.60 23.32 -31.60
C ALA B 184 0.68 22.13 -31.44
N GLY B 185 -0.16 22.11 -30.38
CA GLY B 185 -0.99 20.95 -30.11
C GLY B 185 -0.28 19.88 -29.28
N PHE B 186 0.83 20.22 -28.61
CA PHE B 186 1.59 19.23 -27.85
C PHE B 186 0.90 18.88 -26.54
N GLY B 187 0.08 19.81 -26.02
CA GLY B 187 -0.59 19.62 -24.74
C GLY B 187 -0.82 20.94 -24.02
N GLU B 188 -1.00 20.88 -22.70
CA GLU B 188 -1.45 22.03 -21.94
C GLU B 188 -0.28 22.67 -21.22
N ILE B 189 -0.51 23.88 -20.72
CA ILE B 189 0.41 24.54 -19.81
C ILE B 189 -0.04 24.20 -18.40
N GLY B 190 0.84 23.61 -17.59
CA GLY B 190 0.44 23.09 -16.28
C GLY B 190 1.37 21.98 -15.81
N ASP B 191 0.97 21.36 -14.70
CA ASP B 191 1.83 20.52 -13.89
C ASP B 191 1.89 19.12 -14.46
N TYR B 192 3.00 18.76 -15.12
CA TYR B 192 3.11 17.45 -15.76
C TYR B 192 3.10 16.33 -14.72
N ALA B 193 3.37 16.65 -13.44
CA ALA B 193 3.36 15.65 -12.38
C ALA B 193 2.03 15.66 -11.63
N GLY B 194 1.02 16.31 -12.24
CA GLY B 194 -0.29 16.48 -11.63
C GLY B 194 -1.33 15.65 -12.36
N GLU B 195 -2.52 16.24 -12.60
CA GLU B 195 -3.63 15.54 -13.21
C GLU B 195 -3.35 15.27 -14.69
N ASN B 196 -2.83 16.25 -15.41
CA ASN B 196 -2.62 16.07 -16.85
C ASN B 196 -1.14 15.93 -17.16
N PRO B 197 -0.62 14.71 -17.40
CA PRO B 197 0.80 14.51 -17.71
C PRO B 197 1.28 15.13 -19.03
N TYR B 198 0.36 15.39 -19.96
CA TYR B 198 0.74 15.91 -21.27
C TYR B 198 0.75 17.43 -21.21
N SER B 199 1.67 17.99 -20.41
CA SER B 199 1.73 19.41 -20.12
C SER B 199 3.18 19.88 -20.15
N ILE B 200 3.31 21.21 -20.28
CA ILE B 200 4.58 21.91 -20.18
C ILE B 200 4.51 22.80 -18.95
N ASP B 201 5.61 22.81 -18.20
CA ASP B 201 5.74 23.67 -17.05
C ASP B 201 7.19 24.10 -16.90
N ILE B 202 7.36 25.13 -16.08
CA ILE B 202 8.63 25.48 -15.47
C ILE B 202 9.06 24.31 -14.59
N MET B 203 10.32 23.87 -14.72
CA MET B 203 10.80 22.77 -13.89
C MET B 203 11.15 23.31 -12.51
N GLN B 204 10.72 22.57 -11.49
CA GLN B 204 11.17 22.81 -10.12
C GLN B 204 12.47 22.06 -9.87
N LYS B 205 13.28 22.59 -8.94
CA LYS B 205 14.61 22.10 -8.65
C LYS B 205 14.86 22.11 -7.15
N ILE B 206 15.88 21.34 -6.74
CA ILE B 206 16.27 21.19 -5.34
C ILE B 206 17.16 22.36 -4.94
N TYR B 207 16.62 23.59 -5.05
CA TYR B 207 17.32 24.77 -4.60
C TYR B 207 16.42 25.53 -3.63
N GLU B 208 17.08 26.23 -2.70
CA GLU B 208 16.47 27.11 -1.72
C GLU B 208 17.36 28.35 -1.64
N ASN B 209 16.75 29.52 -1.84
CA ASN B 209 17.50 30.76 -1.91
C ASN B 209 18.67 30.61 -2.88
N ASN B 210 18.38 30.13 -4.10
CA ASN B 210 19.36 30.09 -5.18
C ASN B 210 20.58 29.23 -4.82
N THR B 211 20.40 28.25 -3.93
CA THR B 211 21.49 27.42 -3.43
C THR B 211 21.00 25.99 -3.31
N ARG B 212 21.81 25.03 -3.82
CA ARG B 212 21.39 23.65 -3.88
C ARG B 212 21.19 23.14 -2.45
N ARG B 213 20.09 22.44 -2.25
CA ARG B 213 19.86 21.70 -1.02
C ARG B 213 19.45 20.28 -1.37
N THR B 214 20.40 19.34 -1.13
CA THR B 214 20.26 17.98 -1.61
C THR B 214 19.32 17.26 -0.67
N PRO B 215 18.79 16.08 -1.07
CA PRO B 215 18.18 15.17 -0.10
C PRO B 215 19.08 14.87 1.10
N ALA B 216 20.40 14.66 0.87
CA ALA B 216 21.29 14.41 2.01
C ALA B 216 21.34 15.61 2.97
N ASP B 217 21.39 16.84 2.43
CA ASP B 217 21.35 18.03 3.28
C ASP B 217 20.08 18.02 4.11
N SER B 218 18.99 17.54 3.49
CA SER B 218 17.64 17.68 4.01
C SER B 218 17.34 16.60 5.04
N TYR B 219 17.93 15.41 4.85
CA TYR B 219 17.64 14.26 5.72
C TYR B 219 18.74 14.06 6.76
N LEU B 220 19.97 14.52 6.50
CA LEU B 220 21.06 14.39 7.46
C LEU B 220 21.38 15.77 7.99
N THR B 221 20.40 16.39 8.67
CA THR B 221 20.56 17.69 9.29
C THR B 221 21.43 17.58 10.53
N GLU B 222 21.83 18.74 11.09
CA GLU B 222 22.57 18.77 12.33
C GLU B 222 21.88 17.89 13.39
N ASP B 223 20.56 17.99 13.50
CA ASP B 223 19.82 17.24 14.49
C ASP B 223 19.96 15.74 14.29
N VAL B 224 19.90 15.30 13.02
CA VAL B 224 19.92 13.88 12.73
C VAL B 224 21.32 13.35 13.01
N ARG B 225 22.31 14.14 12.60
CA ARG B 225 23.71 13.74 12.74
C ARG B 225 24.14 13.71 14.21
N ALA B 226 23.42 14.47 15.07
CA ALA B 226 23.72 14.53 16.49
C ALA B 226 23.20 13.27 17.20
N ARG B 227 22.38 12.46 16.51
CA ARG B 227 21.90 11.23 17.11
C ARG B 227 23.07 10.31 17.45
N GLU B 228 23.03 9.73 18.66
CA GLU B 228 24.07 8.84 19.12
C GLU B 228 24.06 7.53 18.33
N ASN B 229 22.94 7.21 17.71
CA ASN B 229 22.80 5.92 17.04
C ASN B 229 23.08 6.01 15.53
N LEU B 230 23.66 7.13 15.10
CA LEU B 230 24.05 7.31 13.71
C LEU B 230 25.54 7.68 13.66
N THR B 231 26.32 6.87 12.92
CA THR B 231 27.70 7.18 12.63
C THR B 231 27.87 7.34 11.12
N ILE B 232 28.44 8.47 10.70
CA ILE B 232 28.75 8.70 9.30
C ILE B 232 30.26 8.73 9.18
N ILE B 233 30.83 7.91 8.29
CA ILE B 233 32.25 8.01 7.97
C ILE B 233 32.38 8.37 6.50
N THR B 234 33.06 9.51 6.23
CA THR B 234 33.42 9.88 4.86
C THR B 234 34.85 9.43 4.58
N HIS B 235 35.24 9.54 3.30
CA HIS B 235 36.49 8.97 2.83
C HIS B 235 36.64 7.51 3.24
N ALA B 236 35.54 6.77 3.08
CA ALA B 236 35.45 5.36 3.38
C ALA B 236 35.02 4.61 2.12
N PHE B 237 35.97 3.88 1.52
CA PHE B 237 35.76 3.24 0.25
C PHE B 237 35.50 1.77 0.49
N VAL B 238 34.27 1.33 0.22
CA VAL B 238 33.91 -0.06 0.47
C VAL B 238 34.42 -0.88 -0.71
N ARG B 239 35.09 -1.98 -0.39
CA ARG B 239 35.72 -2.82 -1.39
C ARG B 239 34.95 -4.12 -1.62
N LYS B 240 34.21 -4.59 -0.63
CA LYS B 240 33.40 -5.78 -0.80
C LYS B 240 32.57 -6.03 0.45
N VAL B 241 31.53 -6.85 0.26
CA VAL B 241 30.63 -7.26 1.32
C VAL B 241 31.19 -8.55 1.86
N LEU B 242 31.03 -8.72 3.18
CA LEU B 242 31.60 -9.88 3.87
C LEU B 242 30.46 -10.81 4.25
N PHE B 243 30.75 -12.14 4.18
CA PHE B 243 29.75 -13.16 4.38
C PHE B 243 30.18 -14.22 5.40
N GLU B 244 29.18 -14.80 6.07
CA GLU B 244 29.26 -16.13 6.64
C GLU B 244 28.24 -17.02 5.92
N GLY B 245 28.71 -17.96 5.10
CA GLY B 245 27.77 -18.68 4.24
C GLY B 245 27.05 -17.70 3.32
N THR B 246 25.72 -17.77 3.29
CA THR B 246 24.92 -16.91 2.43
C THR B 246 24.41 -15.71 3.22
N LYS B 247 25.00 -15.48 4.41
CA LYS B 247 24.56 -14.38 5.25
C LYS B 247 25.58 -13.24 5.17
N ALA B 248 25.11 -12.04 4.80
CA ALA B 248 25.95 -10.86 4.76
C ALA B 248 26.11 -10.33 6.19
N ILE B 249 27.36 -10.20 6.65
CA ILE B 249 27.64 -9.84 8.03
C ILE B 249 28.40 -8.53 8.18
N GLY B 250 29.02 -8.01 7.10
CA GLY B 250 29.85 -6.81 7.21
C GLY B 250 30.35 -6.34 5.84
N VAL B 251 31.29 -5.38 5.89
CA VAL B 251 31.98 -4.86 4.71
C VAL B 251 33.47 -4.72 5.00
N GLU B 252 34.26 -4.85 3.94
CA GLU B 252 35.66 -4.50 3.92
C GLU B 252 35.73 -3.08 3.39
N VAL B 253 36.27 -2.19 4.22
CA VAL B 253 36.24 -0.78 3.88
C VAL B 253 37.62 -0.18 4.14
N GLU B 254 38.06 0.61 3.15
CA GLU B 254 39.31 1.31 3.27
C GLU B 254 39.04 2.73 3.72
N ILE B 255 39.63 3.09 4.84
CA ILE B 255 39.54 4.43 5.40
C ILE B 255 40.96 4.97 5.52
N ASP B 256 41.29 5.93 4.65
CA ASP B 256 42.54 6.66 4.71
C ASP B 256 43.74 5.73 4.60
N GLY B 257 43.69 4.88 3.56
CA GLY B 257 44.77 4.00 3.22
C GLY B 257 44.92 2.78 4.12
N GLN B 258 43.96 2.52 5.02
CA GLN B 258 43.99 1.30 5.79
C GLN B 258 42.62 0.61 5.78
N ILE B 259 42.69 -0.72 5.76
CA ILE B 259 41.50 -1.53 5.54
C ILE B 259 41.01 -2.04 6.89
N GLN B 260 39.71 -1.92 7.10
CA GLN B 260 39.03 -2.45 8.27
C GLN B 260 37.85 -3.30 7.79
N ASN B 261 37.49 -4.27 8.63
CA ASN B 261 36.24 -4.98 8.45
C ASN B 261 35.26 -4.44 9.46
N MET B 262 34.08 -4.01 8.99
CA MET B 262 33.07 -3.44 9.85
C MET B 262 31.81 -4.30 9.73
N TYR B 263 31.14 -4.54 10.86
CA TYR B 263 30.10 -5.57 10.94
C TYR B 263 28.77 -4.98 11.37
N ALA B 264 27.70 -5.62 10.87
CA ALA B 264 26.34 -5.27 11.20
C ALA B 264 25.63 -6.50 11.75
N SER B 265 24.85 -6.31 12.81
CA SER B 265 24.16 -7.43 13.43
C SER B 265 22.87 -7.77 12.68
N LYS B 266 22.31 -6.83 11.90
CA LYS B 266 21.09 -7.12 11.15
C LYS B 266 21.38 -7.20 9.65
N GLU B 267 21.75 -6.09 8.99
CA GLU B 267 21.84 -6.13 7.54
C GLU B 267 22.80 -5.10 6.97
N ILE B 268 23.27 -5.42 5.75
CA ILE B 268 24.02 -4.53 4.89
C ILE B 268 23.11 -4.00 3.78
N ILE B 269 23.14 -2.69 3.54
CA ILE B 269 22.31 -2.04 2.54
C ILE B 269 23.23 -1.33 1.54
N LEU B 270 23.16 -1.73 0.27
CA LEU B 270 23.96 -1.10 -0.78
C LEU B 270 23.16 0.02 -1.42
N SER B 271 23.75 1.20 -1.39
CA SER B 271 23.18 2.40 -1.96
C SER B 271 24.28 3.12 -2.73
N ALA B 272 25.09 2.34 -3.48
CA ALA B 272 26.27 2.86 -4.16
C ALA B 272 25.98 3.35 -5.59
N GLY B 273 24.72 3.23 -6.02
CA GLY B 273 24.25 3.69 -7.31
C GLY B 273 24.37 2.65 -8.44
N THR B 274 23.86 3.01 -9.62
CA THR B 274 23.71 2.05 -10.71
C THR B 274 25.06 1.46 -11.16
N PHE B 275 26.12 2.25 -11.14
CA PHE B 275 27.41 1.77 -11.57
C PHE B 275 28.11 0.94 -10.50
N ASN B 276 28.18 1.48 -9.26
CA ASN B 276 29.08 0.88 -8.26
C ASN B 276 28.42 -0.24 -7.45
N THR B 277 27.10 -0.25 -7.32
CA THR B 277 26.41 -1.34 -6.61
C THR B 277 26.65 -2.70 -7.28
N PRO B 278 26.38 -2.87 -8.59
CA PRO B 278 26.68 -4.13 -9.26
C PRO B 278 28.16 -4.48 -9.23
N LYS B 279 29.06 -3.49 -9.34
CA LYS B 279 30.49 -3.74 -9.18
C LYS B 279 30.79 -4.40 -7.83
N LEU B 280 30.27 -3.81 -6.76
CA LEU B 280 30.51 -4.30 -5.40
C LEU B 280 29.94 -5.71 -5.21
N LEU B 281 28.74 -5.93 -5.73
CA LEU B 281 28.10 -7.24 -5.68
C LEU B 281 28.98 -8.28 -6.37
N LYS B 282 29.47 -7.96 -7.58
CA LYS B 282 30.24 -8.93 -8.34
C LYS B 282 31.56 -9.22 -7.64
N LEU B 283 32.25 -8.18 -7.16
CA LEU B 283 33.50 -8.34 -6.44
C LEU B 283 33.32 -9.21 -5.20
N SER B 284 32.13 -9.17 -4.62
CA SER B 284 31.79 -9.90 -3.40
C SER B 284 31.32 -11.33 -3.65
N GLY B 285 31.18 -11.72 -4.93
CA GLY B 285 30.80 -13.07 -5.33
C GLY B 285 29.31 -13.24 -5.59
N VAL B 286 28.59 -12.14 -5.82
CA VAL B 286 27.16 -12.14 -6.02
C VAL B 286 26.90 -11.59 -7.43
N GLY B 287 26.54 -12.49 -8.34
CA GLY B 287 26.55 -12.14 -9.74
C GLY B 287 26.47 -13.36 -10.63
N PRO B 288 26.57 -13.13 -11.96
CA PRO B 288 26.50 -14.20 -12.95
C PRO B 288 27.72 -15.11 -12.78
N ARG B 289 27.46 -16.42 -12.61
CA ARG B 289 28.50 -17.37 -12.27
C ARG B 289 29.61 -17.34 -13.33
N GLU B 290 29.25 -17.29 -14.62
CA GLU B 290 30.29 -17.35 -15.65
C GLU B 290 31.27 -16.18 -15.54
N GLU B 291 30.77 -14.97 -15.35
CA GLU B 291 31.66 -13.83 -15.16
C GLU B 291 32.54 -13.98 -13.91
N LEU B 292 31.94 -14.37 -12.78
CA LEU B 292 32.70 -14.52 -11.54
C LEU B 292 33.81 -15.56 -11.72
N GLU B 293 33.48 -16.70 -12.34
CA GLU B 293 34.45 -17.78 -12.52
C GLU B 293 35.58 -17.35 -13.44
N LYS B 294 35.25 -16.57 -14.48
CA LYS B 294 36.26 -16.04 -15.39
C LYS B 294 37.33 -15.26 -14.64
N PHE B 295 36.94 -14.60 -13.54
CA PHE B 295 37.87 -13.81 -12.73
C PHE B 295 38.38 -14.59 -11.51
N GLY B 296 37.90 -15.81 -11.29
CA GLY B 296 38.35 -16.59 -10.14
C GLY B 296 37.66 -16.19 -8.83
N ILE B 297 36.55 -15.43 -8.94
CA ILE B 297 35.89 -14.88 -7.77
C ILE B 297 35.03 -15.98 -7.14
N PRO B 298 35.16 -16.21 -5.80
CA PRO B 298 34.28 -17.14 -5.10
C PRO B 298 32.83 -16.81 -5.40
N VAL B 299 32.06 -17.82 -5.84
CA VAL B 299 30.63 -17.63 -6.06
C VAL B 299 29.85 -17.85 -4.76
N ILE B 300 29.47 -16.73 -4.13
CA ILE B 300 28.66 -16.70 -2.94
C ILE B 300 27.21 -16.98 -3.32
N ALA B 301 26.72 -16.33 -4.39
CA ALA B 301 25.42 -16.62 -4.97
C ALA B 301 25.42 -16.33 -6.48
N ASN B 302 24.92 -17.29 -7.26
CA ASN B 302 24.70 -17.13 -8.68
C ASN B 302 23.46 -16.28 -8.90
N VAL B 303 23.66 -15.00 -9.30
CA VAL B 303 22.55 -14.11 -9.58
C VAL B 303 22.76 -13.50 -10.97
N PRO B 304 22.21 -14.14 -12.03
CA PRO B 304 22.42 -13.70 -13.41
C PRO B 304 22.10 -12.23 -13.71
N GLY B 305 21.17 -11.66 -12.94
CA GLY B 305 20.65 -10.32 -13.20
C GLY B 305 21.62 -9.18 -12.85
N VAL B 306 22.64 -9.46 -12.02
CA VAL B 306 23.52 -8.42 -11.49
C VAL B 306 24.33 -7.85 -12.66
N GLY B 307 24.21 -6.55 -12.88
CA GLY B 307 24.95 -5.91 -13.96
C GLY B 307 24.23 -5.93 -15.32
N GLU B 308 23.11 -6.69 -15.39
CA GLU B 308 22.31 -6.77 -16.61
C GLU B 308 21.24 -5.68 -16.56
N ASN B 309 20.54 -5.49 -17.68
CA ASN B 309 19.41 -4.59 -17.71
C ASN B 309 19.81 -3.13 -17.48
N LEU B 310 21.06 -2.74 -17.75
CA LEU B 310 21.45 -1.34 -17.69
C LEU B 310 20.65 -0.58 -18.75
N ASN B 311 19.98 0.49 -18.32
CA ASN B 311 19.37 1.40 -19.28
C ASN B 311 19.45 2.85 -18.79
N ASP B 312 19.25 3.74 -19.74
CA ASP B 312 19.51 5.16 -19.55
C ASP B 312 18.75 5.90 -20.66
N HIS B 313 18.58 7.21 -20.47
CA HIS B 313 18.00 8.06 -21.49
C HIS B 313 19.10 8.69 -22.34
N LEU B 314 18.76 8.94 -23.62
CA LEU B 314 19.51 9.81 -24.50
C LEU B 314 18.70 11.04 -24.84
N MET B 315 19.42 12.17 -25.02
CA MET B 315 18.86 13.44 -25.41
C MET B 315 19.52 13.90 -26.71
N PHE B 316 18.76 14.64 -27.52
CA PHE B 316 19.22 15.21 -28.75
C PHE B 316 18.64 16.61 -28.83
N THR B 317 19.50 17.60 -28.98
CA THR B 317 19.11 19.00 -28.92
C THR B 317 18.89 19.55 -30.33
N LEU B 318 17.69 20.08 -30.56
CA LEU B 318 17.37 20.89 -31.72
C LEU B 318 17.66 22.36 -31.40
N LYS B 319 18.44 23.02 -32.27
CA LYS B 319 18.95 24.35 -32.01
C LYS B 319 18.40 25.33 -33.06
N PHE B 320 18.01 26.52 -32.60
CA PHE B 320 17.38 27.52 -33.48
C PHE B 320 18.00 28.88 -33.22
N VAL B 321 18.55 29.50 -34.27
CA VAL B 321 19.09 30.85 -34.17
C VAL B 321 17.97 31.82 -34.59
N SER B 322 17.91 32.95 -33.86
CA SER B 322 16.86 33.95 -34.08
C SER B 322 17.46 35.22 -34.71
N GLU B 323 16.75 35.81 -35.67
CA GLU B 323 16.99 37.19 -36.07
C GLU B 323 16.43 38.16 -35.03
N LYS B 324 15.38 37.77 -34.31
CA LYS B 324 14.73 38.66 -33.36
C LYS B 324 15.42 38.54 -32.00
N ASN B 325 15.70 39.69 -31.36
CA ASN B 325 16.32 39.72 -30.04
C ASN B 325 15.43 38.94 -29.06
N ILE B 326 16.07 38.19 -28.16
CA ILE B 326 15.37 37.62 -27.02
C ILE B 326 15.93 38.32 -25.79
N GLU B 327 15.05 39.09 -25.11
CA GLU B 327 15.46 40.03 -24.10
C GLU B 327 16.16 39.35 -22.93
N ASP B 328 17.34 39.86 -22.57
CA ASP B 328 18.11 39.41 -21.41
C ASP B 328 18.42 37.92 -21.46
N SER B 329 18.65 37.38 -22.67
CA SER B 329 18.87 35.95 -22.84
C SER B 329 20.35 35.60 -22.86
N ILE B 330 21.22 36.59 -23.12
CA ILE B 330 22.63 36.40 -23.36
C ILE B 330 23.39 36.86 -22.12
N PHE B 331 23.98 35.92 -21.38
CA PHE B 331 24.73 36.25 -20.17
C PHE B 331 25.76 35.15 -19.92
N ASN B 332 26.66 35.41 -18.99
CA ASN B 332 27.75 34.49 -18.70
C ASN B 332 27.66 34.11 -17.22
N PRO B 333 27.10 32.92 -16.88
CA PRO B 333 26.98 32.50 -15.49
C PRO B 333 28.30 32.11 -14.83
N LEU B 334 29.36 31.98 -15.64
CA LEU B 334 30.65 31.45 -15.19
C LEU B 334 31.70 32.52 -14.93
N SER B 335 31.40 33.79 -15.21
CA SER B 335 32.35 34.88 -15.00
C SER B 335 32.61 35.10 -13.50
N ASP B 336 33.79 35.66 -13.19
CA ASP B 336 34.22 35.89 -11.83
C ASP B 336 33.24 36.83 -11.15
N GLU B 337 32.73 37.81 -11.91
CA GLU B 337 31.79 38.79 -11.38
C GLU B 337 30.45 38.15 -11.03
N ALA B 338 29.95 37.29 -11.94
CA ALA B 338 28.71 36.56 -11.67
C ALA B 338 28.87 35.69 -10.43
N ILE B 339 29.93 34.86 -10.40
CA ILE B 339 30.12 33.93 -9.30
C ILE B 339 30.27 34.71 -7.97
N ASP B 340 31.05 35.79 -7.99
CA ASP B 340 31.18 36.65 -6.82
C ASP B 340 29.81 37.17 -6.37
N GLN B 341 29.04 37.70 -7.33
CA GLN B 341 27.74 38.24 -7.00
C GLN B 341 26.92 37.17 -6.30
N TRP B 342 27.09 35.91 -6.73
CA TRP B 342 26.34 34.79 -6.18
C TRP B 342 26.79 34.53 -4.73
N TYR B 343 28.10 34.43 -4.51
CA TYR B 343 28.60 34.21 -3.16
C TYR B 343 28.07 35.32 -2.25
N LYS B 344 28.14 36.58 -2.73
CA LYS B 344 27.87 37.74 -1.90
C LYS B 344 26.41 37.78 -1.48
N ASN B 345 25.47 37.78 -2.42
CA ASN B 345 24.07 37.93 -2.06
C ASN B 345 23.15 36.99 -2.84
N LYS B 346 23.70 35.92 -3.43
CA LYS B 346 22.90 34.88 -4.08
C LYS B 346 22.01 35.46 -5.17
N THR B 347 22.55 36.38 -5.98
CA THR B 347 21.86 36.89 -7.16
C THR B 347 22.83 36.96 -8.33
N GLY B 348 22.28 37.24 -9.50
CA GLY B 348 23.09 37.54 -10.68
C GLY B 348 23.00 36.42 -11.70
N PRO B 349 23.80 36.51 -12.78
CA PRO B 349 23.74 35.52 -13.87
C PRO B 349 23.98 34.05 -13.49
N SER B 350 24.72 33.80 -12.40
CA SER B 350 25.04 32.45 -11.97
C SER B 350 23.79 31.74 -11.43
N SER B 351 22.68 32.48 -11.25
CA SER B 351 21.42 31.91 -10.80
C SER B 351 20.75 31.12 -11.92
N TYR B 352 21.15 31.37 -13.17
CA TYR B 352 20.38 30.92 -14.33
C TYR B 352 21.01 29.69 -14.96
N TYR B 353 20.25 28.59 -14.99
CA TYR B 353 20.54 27.45 -15.85
C TYR B 353 19.60 27.56 -17.05
N PRO B 354 20.08 27.49 -18.32
CA PRO B 354 19.22 27.73 -19.48
C PRO B 354 18.05 26.77 -19.69
N GLY B 355 18.22 25.50 -19.31
CA GLY B 355 17.14 24.52 -19.36
C GLY B 355 16.14 24.78 -18.23
N VAL B 356 14.99 25.39 -18.56
CA VAL B 356 14.08 25.94 -17.55
C VAL B 356 12.68 25.35 -17.63
N ALA B 357 12.29 24.83 -18.79
CA ALA B 357 10.95 24.29 -18.95
C ALA B 357 10.99 22.89 -19.55
N SER B 358 10.03 22.05 -19.15
CA SER B 358 9.89 20.73 -19.73
C SER B 358 8.43 20.44 -20.05
N GLY B 359 8.21 19.79 -21.19
CA GLY B 359 6.89 19.33 -21.57
C GLY B 359 6.93 17.87 -22.01
N PHE B 360 5.82 17.16 -21.74
CA PHE B 360 5.68 15.78 -22.12
C PHE B 360 4.61 15.62 -23.20
N VAL B 361 4.89 14.79 -24.21
CA VAL B 361 4.03 14.66 -25.38
C VAL B 361 3.73 13.20 -25.69
N SER B 362 2.67 13.01 -26.49
CA SER B 362 2.31 11.71 -27.04
C SER B 362 2.34 11.86 -28.57
N SER B 363 3.48 11.52 -29.17
CA SER B 363 3.75 11.90 -30.54
C SER B 363 2.79 11.24 -31.54
N ASP B 364 2.05 10.20 -31.11
CA ASP B 364 1.11 9.48 -31.96
C ASP B 364 -0.33 9.70 -31.50
N GLY B 365 -0.52 10.59 -30.53
CA GLY B 365 -1.85 11.06 -30.17
C GLY B 365 -2.61 10.13 -29.23
N THR B 366 -2.12 8.90 -28.99
CA THR B 366 -2.90 7.89 -28.28
C THR B 366 -2.97 8.18 -26.79
N LYS B 367 -2.08 9.04 -26.28
CA LYS B 367 -2.03 9.34 -24.86
C LYS B 367 -2.05 8.07 -24.04
N THR B 368 -1.16 7.11 -24.38
CA THR B 368 -1.00 5.89 -23.60
C THR B 368 0.33 5.92 -22.86
N GLY B 369 0.75 7.12 -22.42
CA GLY B 369 2.04 7.31 -21.78
C GLY B 369 2.91 8.23 -22.63
N ALA B 370 3.45 9.31 -22.06
CA ALA B 370 4.30 10.17 -22.86
C ALA B 370 5.45 9.35 -23.46
N ASP B 371 5.80 9.66 -24.71
CA ASP B 371 6.84 8.94 -25.43
C ASP B 371 8.09 9.81 -25.55
N PHE B 372 7.92 11.15 -25.50
CA PHE B 372 9.01 12.11 -25.57
C PHE B 372 8.84 13.18 -24.49
N GLU B 373 9.99 13.63 -23.98
CA GLU B 373 10.10 14.84 -23.17
C GLU B 373 10.83 15.89 -24.00
N LEU B 374 10.32 17.12 -23.96
CA LEU B 374 10.93 18.24 -24.63
C LEU B 374 11.41 19.21 -23.56
N ILE B 375 12.73 19.50 -23.54
CA ILE B 375 13.27 20.44 -22.56
C ILE B 375 13.67 21.70 -23.30
N PHE B 376 13.25 22.86 -22.80
CA PHE B 376 13.39 24.11 -23.55
C PHE B 376 14.41 25.05 -22.89
N THR B 377 15.25 25.70 -23.71
CA THR B 377 16.08 26.81 -23.28
C THR B 377 15.76 28.04 -24.13
N TYR B 378 16.18 29.21 -23.61
CA TYR B 378 15.93 30.50 -24.22
C TYR B 378 17.22 31.01 -24.88
N THR B 379 18.10 30.06 -25.23
CA THR B 379 19.36 30.28 -25.93
C THR B 379 19.50 29.23 -27.03
N HIS B 380 20.22 29.51 -28.11
CA HIS B 380 20.40 28.50 -29.14
C HIS B 380 21.25 27.30 -28.67
N GLY B 381 22.18 27.53 -27.73
CA GLY B 381 23.06 26.48 -27.24
C GLY B 381 24.00 25.94 -28.31
N ALA B 382 24.35 26.77 -29.31
CA ALA B 382 25.16 26.34 -30.43
C ALA B 382 26.63 26.44 -30.02
N ASP B 383 27.46 25.50 -30.47
CA ASP B 383 28.89 25.77 -30.62
C ASP B 383 29.05 26.35 -32.03
N GLY B 384 30.27 26.41 -32.60
CA GLY B 384 30.44 26.88 -33.97
C GLY B 384 30.38 25.75 -35.00
N THR B 385 30.04 24.53 -34.55
CA THR B 385 30.19 23.28 -35.28
C THR B 385 29.06 23.08 -36.29
N GLU B 386 27.89 23.64 -35.99
CA GLU B 386 26.71 23.21 -36.70
C GLU B 386 26.82 23.74 -38.14
N LYS B 387 26.73 22.83 -39.11
CA LYS B 387 26.89 23.17 -40.52
C LYS B 387 25.88 24.23 -40.94
N GLU B 388 24.66 24.18 -40.41
CA GLU B 388 23.60 25.09 -40.81
C GLU B 388 23.87 26.52 -40.34
N PHE B 389 24.78 26.68 -39.37
CA PHE B 389 25.09 27.98 -38.80
C PHE B 389 26.46 28.47 -39.25
N ALA B 390 27.01 27.85 -40.32
CA ALA B 390 28.39 28.07 -40.71
C ALA B 390 28.65 29.55 -41.02
N ASN B 391 27.66 30.23 -41.60
CA ASN B 391 27.87 31.57 -42.14
C ASN B 391 27.40 32.66 -41.19
N ILE B 392 27.09 32.30 -39.93
CA ILE B 392 26.64 33.28 -38.95
C ILE B 392 27.86 33.98 -38.34
N GLU B 393 27.81 35.31 -38.25
CA GLU B 393 28.83 36.07 -37.54
C GLU B 393 28.49 36.10 -36.04
N ASP B 394 29.51 35.90 -35.20
CA ASP B 394 29.39 36.11 -33.77
C ASP B 394 28.16 35.35 -33.26
N ILE B 395 28.16 34.03 -33.48
CA ILE B 395 27.05 33.14 -33.13
C ILE B 395 26.70 33.34 -31.66
N GLN B 396 27.71 33.44 -30.78
CA GLN B 396 27.48 33.48 -29.35
C GLN B 396 26.76 34.76 -28.94
N ALA B 397 26.80 35.82 -29.77
CA ALA B 397 26.10 37.05 -29.44
C ALA B 397 24.66 37.01 -29.96
N GLN B 398 24.34 36.03 -30.81
CA GLN B 398 23.01 35.94 -31.43
C GLN B 398 22.01 35.29 -30.48
N SER B 399 20.75 35.71 -30.60
CA SER B 399 19.63 35.16 -29.88
C SER B 399 19.19 33.84 -30.53
N GLY B 400 18.44 33.05 -29.76
CA GLY B 400 17.90 31.79 -30.24
C GLY B 400 17.30 30.96 -29.09
N TYR B 401 16.81 29.77 -29.45
CA TYR B 401 16.21 28.86 -28.47
C TYR B 401 16.51 27.42 -28.89
N SER B 402 16.30 26.49 -27.95
CA SER B 402 16.57 25.09 -28.24
C SER B 402 15.58 24.19 -27.54
N VAL B 403 15.33 23.04 -28.18
CA VAL B 403 14.40 22.06 -27.66
C VAL B 403 15.13 20.71 -27.67
N THR B 404 15.33 20.16 -26.47
CA THR B 404 16.04 18.90 -26.33
C THR B 404 15.00 17.78 -26.25
N VAL B 405 15.12 16.83 -27.17
CA VAL B 405 14.19 15.73 -27.26
C VAL B 405 14.78 14.50 -26.59
N ILE B 406 13.98 13.86 -25.74
CA ILE B 406 14.38 12.64 -25.04
C ILE B 406 13.34 11.55 -25.34
N LEU B 407 13.85 10.42 -25.84
CA LEU B 407 13.07 9.21 -26.00
C LEU B 407 12.94 8.58 -24.61
N LEU B 408 11.73 8.60 -24.06
CA LEU B 408 11.53 8.32 -22.65
C LEU B 408 11.60 6.82 -22.33
N GLN B 409 11.25 5.95 -23.28
CA GLN B 409 11.20 4.52 -22.98
C GLN B 409 12.03 3.74 -23.99
N PRO B 410 13.37 3.90 -24.00
CA PRO B 410 14.22 3.13 -24.89
C PRO B 410 14.09 1.64 -24.57
N LYS B 411 14.14 0.79 -25.61
CA LYS B 411 14.11 -0.65 -25.41
C LYS B 411 15.51 -1.24 -25.26
N SER B 412 16.55 -0.53 -25.71
CA SER B 412 17.93 -0.97 -25.60
C SER B 412 18.32 -1.24 -24.15
N ARG B 413 19.03 -2.35 -23.93
CA ARG B 413 19.51 -2.74 -22.61
C ARG B 413 20.97 -3.12 -22.73
N GLY B 414 21.78 -2.79 -21.70
CA GLY B 414 23.19 -3.11 -21.72
C GLY B 414 23.67 -3.71 -20.40
N GLN B 415 24.95 -3.48 -20.13
CA GLN B 415 25.64 -4.22 -19.08
C GLN B 415 26.60 -3.31 -18.33
N LEU B 416 26.74 -3.61 -17.03
CA LEU B 416 27.81 -3.12 -16.18
C LEU B 416 28.67 -4.32 -15.80
N LEU B 417 29.88 -4.41 -16.36
CA LEU B 417 30.77 -5.53 -16.18
C LEU B 417 31.97 -5.13 -15.34
N LEU B 418 32.60 -6.11 -14.66
CA LEU B 418 33.89 -5.90 -14.01
C LEU B 418 34.99 -5.77 -15.07
N ALA B 419 35.99 -4.92 -14.83
CA ALA B 419 37.20 -4.91 -15.63
C ALA B 419 38.21 -5.92 -15.08
N SER B 420 38.14 -6.18 -13.77
CA SER B 420 39.17 -6.92 -13.03
C SER B 420 38.65 -7.19 -11.62
N THR B 421 39.45 -7.87 -10.79
CA THR B 421 39.11 -8.05 -9.39
C THR B 421 39.72 -6.95 -8.53
N ASN B 422 40.38 -5.99 -9.15
CA ASN B 422 40.99 -4.90 -8.41
C ASN B 422 39.88 -3.93 -7.99
N PRO B 423 39.67 -3.72 -6.67
CA PRO B 423 38.52 -2.94 -6.21
C PRO B 423 38.52 -1.48 -6.65
N TYR B 424 39.66 -0.96 -7.11
CA TYR B 424 39.77 0.44 -7.45
C TYR B 424 39.53 0.66 -8.95
N ASP B 425 39.51 -0.41 -9.76
CA ASP B 425 39.30 -0.27 -11.21
C ASP B 425 37.87 0.12 -11.51
N ALA B 426 37.71 1.06 -12.46
CA ALA B 426 36.38 1.47 -12.89
C ALA B 426 35.66 0.25 -13.47
N PRO B 427 34.32 0.16 -13.32
CA PRO B 427 33.50 -0.84 -13.99
C PRO B 427 33.39 -0.44 -15.46
N LEU B 428 33.03 -1.42 -16.31
CA LEU B 428 32.88 -1.22 -17.74
C LEU B 428 31.40 -0.97 -18.04
N ILE B 429 31.10 0.26 -18.44
CA ILE B 429 29.72 0.71 -18.57
C ILE B 429 29.33 0.65 -20.05
N ASN B 430 28.34 -0.19 -20.37
CA ASN B 430 27.94 -0.37 -21.76
C ASN B 430 26.43 -0.32 -21.89
N PRO B 431 25.82 0.88 -22.05
CA PRO B 431 24.36 0.97 -22.21
C PRO B 431 23.81 0.37 -23.50
N ARG B 432 24.68 0.13 -24.50
N ARG B 432 24.69 0.11 -24.48
CA ARG B 432 24.26 -0.44 -25.77
CA ARG B 432 24.30 -0.41 -25.78
C ARG B 432 23.20 0.47 -26.39
C ARG B 432 23.21 0.47 -26.36
N TYR B 433 23.47 1.78 -26.39
CA TYR B 433 22.53 2.72 -26.92
C TYR B 433 22.23 2.37 -28.39
N PHE B 434 20.94 2.45 -28.75
CA PHE B 434 20.43 2.21 -30.10
C PHE B 434 20.73 0.79 -30.58
N SER B 435 20.88 -0.16 -29.66
CA SER B 435 21.09 -1.53 -30.03
C SER B 435 19.75 -2.16 -30.43
N ASP B 436 18.66 -1.75 -29.78
CA ASP B 436 17.32 -2.08 -30.23
C ASP B 436 16.91 -1.09 -31.33
N SER B 437 16.55 -1.63 -32.52
CA SER B 437 16.33 -0.82 -33.72
C SER B 437 15.10 0.08 -33.60
N SER B 438 14.16 -0.23 -32.72
CA SER B 438 13.01 0.65 -32.50
C SER B 438 13.39 1.98 -31.86
N ASP B 439 14.53 2.06 -31.15
CA ASP B 439 14.91 3.29 -30.46
C ASP B 439 15.14 4.41 -31.48
N MET B 440 16.00 4.17 -32.46
CA MET B 440 16.28 5.18 -33.48
C MET B 440 15.05 5.46 -34.36
N GLU B 441 14.28 4.44 -34.69
CA GLU B 441 13.06 4.59 -35.48
C GLU B 441 12.15 5.62 -34.82
N ARG B 442 11.88 5.44 -33.52
CA ARG B 442 11.02 6.35 -32.77
C ARG B 442 11.68 7.73 -32.61
N PHE B 443 12.98 7.76 -32.32
CA PHE B 443 13.68 9.02 -32.04
C PHE B 443 13.56 9.98 -33.24
N ILE B 444 13.73 9.45 -34.46
CA ILE B 444 13.64 10.28 -35.66
C ILE B 444 12.25 10.91 -35.74
N LYS B 445 11.22 10.12 -35.46
CA LYS B 445 9.83 10.59 -35.46
C LYS B 445 9.65 11.70 -34.42
N GLY B 446 10.24 11.52 -33.22
CA GLY B 446 10.10 12.52 -32.18
C GLY B 446 10.70 13.87 -32.56
N VAL B 447 11.83 13.84 -33.27
CA VAL B 447 12.48 15.06 -33.73
C VAL B 447 11.56 15.80 -34.72
N ARG B 448 10.97 15.05 -35.66
CA ARG B 448 10.09 15.65 -36.66
C ARG B 448 8.86 16.24 -35.99
N TYR B 449 8.29 15.49 -35.04
CA TYR B 449 7.14 15.94 -34.27
C TYR B 449 7.46 17.27 -33.60
N THR B 450 8.58 17.32 -32.88
CA THR B 450 8.99 18.49 -32.12
C THR B 450 9.20 19.67 -33.05
N GLN B 451 9.75 19.46 -34.25
CA GLN B 451 10.02 20.56 -35.16
C GLN B 451 8.76 21.34 -35.60
N LYS B 452 7.58 20.73 -35.47
CA LYS B 452 6.33 21.42 -35.74
C LYS B 452 6.21 22.70 -34.89
N ILE B 453 6.93 22.76 -33.77
CA ILE B 453 6.76 23.88 -32.87
C ILE B 453 7.28 25.16 -33.52
N THR B 454 8.20 25.04 -34.50
CA THR B 454 8.76 26.21 -35.16
C THR B 454 7.73 26.92 -36.02
N LYS B 455 6.60 26.25 -36.31
CA LYS B 455 5.57 26.79 -37.19
C LYS B 455 4.55 27.61 -36.42
N THR B 456 4.65 27.64 -35.08
CA THR B 456 3.63 28.28 -34.26
C THR B 456 3.78 29.80 -34.35
N GLU B 457 2.70 30.50 -34.03
CA GLU B 457 2.70 31.95 -34.10
C GLU B 457 3.74 32.50 -33.11
N SER B 458 3.84 31.86 -31.94
CA SER B 458 4.80 32.27 -30.91
C SER B 458 6.24 32.15 -31.39
N LEU B 459 6.62 31.03 -32.04
CA LEU B 459 8.04 30.71 -32.22
C LEU B 459 8.52 30.89 -33.66
N GLU B 460 7.63 30.90 -34.67
CA GLU B 460 8.05 31.18 -36.05
C GLU B 460 8.86 32.48 -36.14
N PRO B 461 8.48 33.59 -35.48
CA PRO B 461 9.31 34.81 -35.49
C PRO B 461 10.74 34.68 -34.96
N TYR B 462 11.02 33.62 -34.19
CA TYR B 462 12.35 33.41 -33.62
C TYR B 462 13.12 32.29 -34.29
N THR B 463 12.60 31.76 -35.42
CA THR B 463 13.17 30.61 -36.09
C THR B 463 13.75 31.04 -37.43
N TYR B 464 15.00 31.48 -37.45
CA TYR B 464 15.65 31.86 -38.68
C TYR B 464 16.41 30.67 -39.28
N LEU B 465 17.32 30.08 -38.50
CA LEU B 465 18.05 28.89 -38.92
C LEU B 465 17.92 27.81 -37.85
N ALA B 466 17.93 26.56 -38.32
CA ALA B 466 17.69 25.40 -37.47
C ALA B 466 18.78 24.35 -37.67
N HIS B 467 19.07 23.62 -36.57
CA HIS B 467 19.89 22.42 -36.60
C HIS B 467 19.15 21.34 -35.84
N PRO B 468 18.76 20.20 -36.46
CA PRO B 468 18.92 19.97 -37.91
C PRO B 468 18.07 20.94 -38.73
N ALA B 469 18.37 21.07 -40.02
CA ALA B 469 17.52 21.86 -40.91
C ALA B 469 16.12 21.25 -40.92
N LEU B 470 15.11 22.11 -41.12
CA LEU B 470 13.73 21.67 -41.07
C LEU B 470 13.40 20.76 -42.26
N ASP B 471 14.22 20.83 -43.33
CA ASP B 471 14.02 20.01 -44.53
C ASP B 471 14.94 18.78 -44.54
N ALA B 472 15.66 18.50 -43.45
CA ALA B 472 16.60 17.40 -43.41
C ALA B 472 15.88 16.07 -43.63
N THR B 473 16.55 15.13 -44.29
CA THR B 473 16.02 13.79 -44.51
C THR B 473 16.07 13.02 -43.18
N ASP B 474 15.33 11.89 -43.11
CA ASP B 474 15.40 10.96 -42.00
C ASP B 474 16.86 10.54 -41.74
N GLU B 475 17.62 10.32 -42.82
CA GLU B 475 18.97 9.79 -42.72
C GLU B 475 19.90 10.85 -42.15
N ILE B 476 19.71 12.11 -42.52
CA ILE B 476 20.49 13.20 -41.96
C ILE B 476 20.17 13.36 -40.47
N ILE B 477 18.89 13.27 -40.10
CA ILE B 477 18.53 13.36 -38.69
C ILE B 477 19.18 12.20 -37.92
N GLU B 478 19.02 10.97 -38.43
CA GLU B 478 19.65 9.79 -37.85
C GLU B 478 21.15 10.00 -37.57
N SER B 479 21.88 10.46 -38.58
CA SER B 479 23.31 10.69 -38.46
C SER B 479 23.67 11.72 -37.40
N LEU B 480 22.89 12.82 -37.33
CA LEU B 480 23.09 13.85 -36.34
C LEU B 480 22.83 13.31 -34.94
N ILE B 481 21.80 12.48 -34.82
CA ILE B 481 21.51 11.84 -33.54
C ILE B 481 22.72 10.98 -33.14
N ARG B 482 23.20 10.13 -34.04
CA ARG B 482 24.29 9.23 -33.69
C ARG B 482 25.54 9.99 -33.25
N ASN B 483 25.79 11.15 -33.87
CA ASN B 483 26.96 11.96 -33.57
C ASN B 483 26.81 12.88 -32.35
N GLU B 484 25.58 13.27 -32.00
CA GLU B 484 25.38 14.34 -31.03
C GLU B 484 24.54 13.90 -29.84
N ALA B 485 23.75 12.84 -29.93
CA ALA B 485 22.91 12.49 -28.80
C ALA B 485 23.80 12.08 -27.63
N SER B 486 23.33 12.26 -26.39
CA SER B 486 24.17 11.94 -25.24
C SER B 486 23.29 11.55 -24.04
N THR B 487 23.94 10.98 -23.03
CA THR B 487 23.28 10.53 -21.83
C THR B 487 22.59 11.70 -21.14
N VAL B 488 21.42 11.41 -20.57
CA VAL B 488 20.75 12.37 -19.70
C VAL B 488 21.08 12.07 -18.24
N PHE B 489 22.06 11.17 -17.99
CA PHE B 489 22.58 10.87 -16.67
C PHE B 489 21.52 10.15 -15.82
N HIS B 490 20.75 9.24 -16.44
CA HIS B 490 19.72 8.50 -15.72
C HIS B 490 19.95 6.99 -15.73
N PRO B 491 21.17 6.47 -15.42
CA PRO B 491 21.35 5.02 -15.46
C PRO B 491 20.58 4.32 -14.33
N VAL B 492 19.93 3.20 -14.70
CA VAL B 492 19.15 2.41 -13.77
C VAL B 492 19.32 0.94 -14.12
N GLY B 493 18.93 0.07 -13.21
CA GLY B 493 18.46 -1.25 -13.61
C GLY B 493 19.42 -2.43 -13.42
N THR B 494 20.62 -2.18 -12.89
CA THR B 494 21.67 -3.17 -12.79
C THR B 494 21.53 -4.11 -11.58
N ALA B 495 20.56 -3.86 -10.70
CA ALA B 495 20.20 -4.81 -9.66
C ALA B 495 18.67 -4.82 -9.53
N ARG B 496 18.02 -5.19 -10.64
CA ARG B 496 16.62 -4.96 -10.87
C ARG B 496 15.76 -5.65 -9.79
N MET B 497 14.80 -4.88 -9.27
CA MET B 497 13.80 -5.43 -8.36
C MET B 497 12.69 -6.09 -9.17
N GLY B 498 12.34 -7.33 -8.79
CA GLY B 498 11.19 -7.99 -9.40
C GLY B 498 10.82 -9.26 -8.64
N ASP B 499 10.24 -10.20 -9.37
CA ASP B 499 9.71 -11.44 -8.82
C ASP B 499 10.81 -12.49 -8.90
N VAL B 500 11.51 -12.71 -7.79
CA VAL B 500 12.68 -13.58 -7.81
C VAL B 500 12.26 -15.06 -7.84
N GLU B 501 10.96 -15.36 -7.70
CA GLU B 501 10.48 -16.73 -7.75
C GLU B 501 10.31 -17.19 -9.19
N ASN B 502 9.90 -16.28 -10.08
CA ASN B 502 9.51 -16.63 -11.45
C ASN B 502 10.36 -15.93 -12.49
N ASP B 503 11.22 -14.99 -12.08
CA ASP B 503 12.01 -14.24 -13.04
C ASP B 503 13.48 -14.49 -12.73
N SER B 504 14.16 -15.26 -13.58
CA SER B 504 15.55 -15.66 -13.28
C SER B 504 16.51 -14.46 -13.32
N LEU B 505 16.10 -13.33 -13.94
CA LEU B 505 16.99 -12.17 -14.08
C LEU B 505 16.67 -11.08 -13.06
N ALA B 506 15.67 -11.28 -12.19
CA ALA B 506 15.45 -10.33 -11.11
C ALA B 506 16.56 -10.52 -10.09
N VAL B 507 16.98 -9.40 -9.47
CA VAL B 507 18.11 -9.42 -8.56
C VAL B 507 17.62 -9.31 -7.13
N VAL B 508 16.74 -8.34 -6.89
CA VAL B 508 16.19 -8.19 -5.55
C VAL B 508 14.67 -8.38 -5.62
N ASP B 509 14.09 -8.79 -4.48
CA ASP B 509 12.67 -8.99 -4.38
C ASP B 509 12.00 -7.67 -4.00
N SER B 510 10.70 -7.75 -3.75
CA SER B 510 9.84 -6.64 -3.36
C SER B 510 10.26 -5.99 -2.05
N SER B 511 11.00 -6.75 -1.23
CA SER B 511 11.55 -6.22 0.02
C SER B 511 12.99 -5.70 -0.15
N LEU B 512 13.50 -5.70 -1.38
CA LEU B 512 14.82 -5.18 -1.73
C LEU B 512 15.91 -6.15 -1.29
N LYS B 513 15.53 -7.38 -0.94
CA LYS B 513 16.50 -8.37 -0.52
C LYS B 513 17.10 -9.06 -1.74
N VAL B 514 18.42 -9.21 -1.70
CA VAL B 514 19.13 -9.90 -2.74
C VAL B 514 18.82 -11.38 -2.67
N ARG B 515 18.46 -11.91 -3.82
CA ARG B 515 18.21 -13.32 -4.03
C ARG B 515 19.37 -14.19 -3.59
N GLY B 516 19.06 -15.26 -2.85
CA GLY B 516 20.05 -16.26 -2.47
C GLY B 516 20.86 -15.83 -1.23
N ILE B 517 20.52 -14.69 -0.63
CA ILE B 517 21.36 -14.08 0.38
C ILE B 517 20.45 -13.62 1.51
N GLN B 518 20.96 -13.71 2.75
CA GLN B 518 20.25 -13.14 3.89
C GLN B 518 21.02 -11.93 4.41
N GLY B 519 20.29 -10.90 4.82
CA GLY B 519 20.85 -9.73 5.46
C GLY B 519 21.51 -8.75 4.46
N LEU B 520 21.10 -8.79 3.19
CA LEU B 520 21.66 -7.90 2.17
C LEU B 520 20.53 -7.31 1.31
N ARG B 521 20.42 -5.98 1.32
CA ARG B 521 19.44 -5.28 0.51
C ARG B 521 20.13 -4.25 -0.38
N VAL B 522 19.44 -3.85 -1.45
CA VAL B 522 19.93 -2.82 -2.36
C VAL B 522 18.82 -1.79 -2.42
N ALA B 523 19.19 -0.52 -2.28
CA ALA B 523 18.26 0.59 -2.34
C ALA B 523 18.94 1.82 -2.95
N ASP B 524 18.75 1.96 -4.27
CA ASP B 524 19.32 3.01 -5.08
C ASP B 524 18.74 2.87 -6.49
N ALA B 525 19.28 3.60 -7.45
CA ALA B 525 18.73 3.59 -8.81
C ALA B 525 18.92 2.21 -9.45
N SER B 526 19.83 1.39 -8.91
CA SER B 526 20.11 0.10 -9.54
C SER B 526 18.89 -0.81 -9.53
N ILE B 527 17.98 -0.63 -8.56
CA ILE B 527 16.83 -1.53 -8.40
C ILE B 527 15.69 -1.11 -9.34
N ILE B 528 15.71 0.11 -9.86
CA ILE B 528 14.66 0.61 -10.72
C ILE B 528 14.69 -0.17 -12.03
N PRO B 529 13.58 -0.82 -12.45
CA PRO B 529 13.60 -1.67 -13.66
C PRO B 529 13.90 -0.94 -14.97
N ALA B 530 13.33 0.25 -15.09
CA ALA B 530 13.38 0.99 -16.32
C ALA B 530 13.28 2.48 -16.02
N VAL B 531 13.92 3.27 -16.88
CA VAL B 531 13.91 4.71 -16.72
C VAL B 531 12.46 5.20 -16.79
N ASN B 532 12.20 6.35 -16.13
CA ASN B 532 10.85 6.87 -15.99
C ASN B 532 10.58 7.85 -17.15
N ARG B 533 9.35 8.39 -17.20
CA ARG B 533 9.02 9.51 -18.07
C ARG B 533 9.36 10.78 -17.30
N GLY B 534 10.64 11.03 -17.17
CA GLY B 534 11.15 12.05 -16.29
C GLY B 534 12.63 11.78 -15.97
N HIS B 535 13.04 12.20 -14.76
CA HIS B 535 14.42 12.21 -14.35
C HIS B 535 14.53 11.40 -13.06
N THR B 536 15.69 10.76 -12.80
CA THR B 536 15.71 9.66 -11.83
C THR B 536 15.94 10.06 -10.37
N MET B 537 16.28 11.31 -10.04
CA MET B 537 16.50 11.69 -8.65
C MET B 537 15.24 11.40 -7.81
N ALA B 538 14.08 11.84 -8.32
CA ALA B 538 12.84 11.75 -7.55
C ALA B 538 12.45 10.30 -7.24
N PRO B 539 12.34 9.39 -8.24
CA PRO B 539 12.08 7.99 -7.91
C PRO B 539 13.15 7.38 -6.99
N VAL B 540 14.39 7.85 -7.03
CA VAL B 540 15.43 7.32 -6.15
C VAL B 540 15.14 7.68 -4.68
N VAL B 541 14.72 8.92 -4.43
CA VAL B 541 14.31 9.32 -3.08
C VAL B 541 13.10 8.49 -2.63
N TYR B 542 12.13 8.27 -3.54
CA TYR B 542 11.03 7.35 -3.31
C TYR B 542 11.55 5.98 -2.87
N VAL B 543 12.56 5.44 -3.59
CA VAL B 543 13.14 4.16 -3.20
C VAL B 543 13.66 4.21 -1.76
N GLY B 544 14.31 5.32 -1.39
CA GLY B 544 14.88 5.46 -0.04
C GLY B 544 13.78 5.41 1.03
N GLU B 545 12.67 6.14 0.79
CA GLU B 545 11.56 6.18 1.73
C GLU B 545 10.88 4.81 1.81
N MET B 546 10.76 4.14 0.67
CA MET B 546 10.16 2.82 0.61
C MET B 546 11.02 1.78 1.34
N ALA B 547 12.32 1.78 1.09
CA ALA B 547 13.25 0.89 1.78
C ALA B 547 13.14 1.05 3.29
N SER B 548 13.13 2.30 3.74
CA SER B 548 13.06 2.63 5.15
C SER B 548 11.82 2.00 5.80
N GLU B 549 10.66 2.24 5.17
CA GLU B 549 9.38 1.65 5.59
C GLU B 549 9.45 0.12 5.65
N ILE B 550 9.98 -0.47 4.59
CA ILE B 550 10.05 -1.93 4.47
C ILE B 550 10.92 -2.49 5.59
N ILE B 551 12.08 -1.88 5.81
CA ILE B 551 13.00 -2.40 6.81
C ILE B 551 12.40 -2.25 8.21
N ILE B 552 11.84 -1.06 8.51
CA ILE B 552 11.31 -0.79 9.83
C ILE B 552 10.21 -1.79 10.15
N ASN B 553 9.41 -2.17 9.14
CA ASN B 553 8.26 -3.04 9.33
C ASN B 553 8.65 -4.51 9.39
N ASP B 554 9.90 -4.85 9.07
CA ASP B 554 10.46 -6.16 9.32
C ASP B 554 10.82 -6.31 10.79
N ASN B 555 11.36 -5.23 11.39
CA ASN B 555 11.93 -5.24 12.73
C ASN B 555 10.91 -4.69 13.74
#